data_6O6Q
#
_entry.id   6O6Q
#
_cell.length_a   125.690
_cell.length_b   125.690
_cell.length_c   229.719
_cell.angle_alpha   90.00
_cell.angle_beta   90.00
_cell.angle_gamma   120.00
#
_symmetry.space_group_name_H-M   'P 61 2 2'
#
loop_
_entity.id
_entity.type
_entity.pdbx_description
1 polymer 'Casein kinase 2 catalytic subunit'
2 non-polymer 'ADENOSINE MONOPHOSPHATE'
3 non-polymer 'SULFATE ION'
4 non-polymer 'CHLORIDE ION'
5 non-polymer GLYCEROL
6 water water
#
_entity_poly.entity_id   1
_entity_poly.type   'polypeptide(L)'
_entity_poly.pdbx_seq_one_letter_code
;MSSHRHNTVQSVSRVYADVLSTKPQSYWDYDDLNIKWNPQENYEILRKLGRGKYSEVFLGIDLEKREKVVIKVLKPVKRK
KIKREISILKNLVDGPNIIAMLDVVREPQSKTPGLIFEHINNIDFRSLYPTFTDYDIRFYMYELLKALDYSHSMGIMHRD
VKPHNVMIDHDKKLLRLIDWGLAEYYHPGTEYNVRVASRYFKGPELLVDYRLYDYSLDMWSFGCMLASMVFMKEPFFHGK
SNTDQLVQIVRVLGSKNFKKYLEKYNISLGEEYEDIGYYNKRQWVRFMNENNKDLVSQEFLDLIDRLLRYDHQERLTAKE
AMKHAYFDPIRVAVS
;
_entity_poly.pdbx_strand_id   A,B
#
# COMPACT_ATOMS: atom_id res chain seq x y z
N HIS A 4 -12.45 54.16 -2.93
CA HIS A 4 -12.45 52.72 -2.72
C HIS A 4 -11.73 52.01 -3.86
N ARG A 5 -10.45 51.74 -3.66
CA ARG A 5 -9.65 51.00 -4.62
C ARG A 5 -9.36 49.58 -4.17
N HIS A 6 -8.82 49.41 -2.97
CA HIS A 6 -8.63 48.08 -2.40
C HIS A 6 -9.99 47.51 -1.99
N ASN A 7 -10.00 46.22 -1.70
CA ASN A 7 -11.21 45.54 -1.26
C ASN A 7 -11.26 45.54 0.25
N THR A 8 -12.41 45.93 0.82
CA THR A 8 -12.62 45.90 2.25
C THR A 8 -13.37 44.66 2.72
N VAL A 9 -14.12 44.01 1.83
CA VAL A 9 -14.64 42.67 2.11
C VAL A 9 -13.46 41.70 2.00
N GLN A 10 -13.03 41.16 3.14
CA GLN A 10 -11.74 40.49 3.18
C GLN A 10 -11.85 39.12 3.82
N SER A 11 -10.90 38.27 3.47
CA SER A 11 -10.87 36.88 3.89
C SER A 11 -9.65 36.63 4.77
N VAL A 12 -9.82 35.79 5.78
CA VAL A 12 -8.74 35.35 6.65
C VAL A 12 -8.80 33.83 6.71
N SER A 13 -7.63 33.19 6.68
CA SER A 13 -7.58 31.73 6.71
C SER A 13 -8.30 31.18 7.92
N ARG A 14 -9.15 30.17 7.69
CA ARG A 14 -9.84 29.51 8.79
C ARG A 14 -8.86 28.77 9.70
N VAL A 15 -7.76 28.28 9.14
CA VAL A 15 -6.76 27.54 9.89
C VAL A 15 -5.41 28.24 9.73
N TYR A 16 -4.57 28.12 10.76
CA TYR A 16 -3.18 28.58 10.72
C TYR A 16 -3.09 30.05 10.31
N ALA A 17 -4.01 30.87 10.82
CA ALA A 17 -4.07 32.26 10.41
C ALA A 17 -2.94 33.10 10.98
N ASP A 18 -2.56 32.86 12.23
CA ASP A 18 -1.58 33.68 12.95
C ASP A 18 -0.40 32.86 13.45
N VAL A 19 0.14 31.99 12.58
CA VAL A 19 1.27 31.17 13.00
C VAL A 19 2.59 31.93 12.83
N LEU A 20 2.67 32.81 11.82
CA LEU A 20 3.89 33.57 11.60
C LEU A 20 4.12 34.62 12.68
N SER A 21 3.07 35.05 13.38
CA SER A 21 3.23 36.00 14.47
C SER A 21 3.84 35.36 15.71
N THR A 22 3.91 34.03 15.77
CA THR A 22 4.47 33.30 16.91
C THR A 22 5.87 32.77 16.63
N LYS A 23 6.51 33.22 15.57
CA LYS A 23 7.85 32.82 15.19
C LYS A 23 8.76 34.05 15.13
N PRO A 24 10.07 33.87 15.29
CA PRO A 24 10.98 35.03 15.24
C PRO A 24 10.95 35.72 13.89
N GLN A 25 11.46 36.95 13.88
CA GLN A 25 11.47 37.75 12.65
C GLN A 25 12.32 37.08 11.57
N SER A 26 13.39 36.40 11.95
CA SER A 26 14.25 35.72 10.98
C SER A 26 13.50 34.62 10.23
N TYR A 27 12.36 34.17 10.74
CA TYR A 27 11.62 33.09 10.10
C TYR A 27 10.98 33.57 8.81
N TRP A 28 10.18 34.64 8.88
CA TRP A 28 9.40 35.11 7.73
C TRP A 28 10.08 36.22 6.95
N ASP A 29 11.04 36.93 7.53
CA ASP A 29 11.74 38.01 6.85
C ASP A 29 12.88 37.43 6.02
N TYR A 30 12.52 36.89 4.85
CA TYR A 30 13.50 36.25 3.99
C TYR A 30 14.36 37.25 3.24
N ASP A 31 13.94 38.51 3.13
CA ASP A 31 14.73 39.50 2.43
C ASP A 31 16.04 39.80 3.15
N ASP A 32 16.04 39.69 4.48
CA ASP A 32 17.23 39.93 5.29
C ASP A 32 17.92 38.65 5.71
N LEU A 33 17.56 37.51 5.11
CA LEU A 33 18.28 36.27 5.36
C LEU A 33 19.74 36.42 4.91
N ASN A 34 20.64 35.74 5.61
CA ASN A 34 22.06 35.76 5.27
C ASN A 34 22.48 34.34 4.94
N ILE A 35 22.52 34.02 3.65
CA ILE A 35 22.95 32.70 3.21
C ILE A 35 24.45 32.59 3.35
N LYS A 36 24.92 31.60 4.12
CA LYS A 36 26.34 31.32 4.25
C LYS A 36 26.66 30.12 3.36
N TRP A 37 27.35 30.39 2.26
CA TRP A 37 27.52 29.41 1.21
C TRP A 37 28.65 28.44 1.54
N ASN A 38 28.53 27.22 1.04
CA ASN A 38 29.53 26.17 1.14
C ASN A 38 30.23 25.98 -0.18
N PRO A 39 31.41 25.34 -0.19
CA PRO A 39 32.13 25.14 -1.46
C PRO A 39 31.27 24.39 -2.48
N GLN A 40 31.32 24.86 -3.72
CA GLN A 40 30.49 24.31 -4.79
C GLN A 40 31.15 23.14 -5.51
N GLU A 41 32.49 23.05 -5.48
CA GLU A 41 33.15 21.94 -6.15
C GLU A 41 32.98 20.62 -5.41
N ASN A 42 32.25 20.59 -4.31
CA ASN A 42 31.84 19.34 -3.69
C ASN A 42 30.69 18.68 -4.44
N TYR A 43 30.17 19.32 -5.49
CA TYR A 43 29.09 18.79 -6.29
C TYR A 43 29.41 19.00 -7.76
N GLU A 44 29.37 17.92 -8.54
CA GLU A 44 29.66 17.95 -9.97
C GLU A 44 28.41 17.57 -10.74
N ILE A 45 28.16 18.27 -11.84
CA ILE A 45 26.95 18.06 -12.63
C ILE A 45 27.16 16.85 -13.53
N LEU A 46 26.18 15.93 -13.53
CA LEU A 46 26.21 14.73 -14.35
C LEU A 46 25.32 14.83 -15.58
N ARG A 47 24.07 15.26 -15.40
CA ARG A 47 23.11 15.30 -16.49
C ARG A 47 22.04 16.32 -16.15
N LYS A 48 21.55 17.02 -17.17
CA LYS A 48 20.51 18.01 -16.98
C LYS A 48 19.14 17.32 -16.94
N LEU A 49 18.45 17.45 -15.81
CA LEU A 49 17.13 16.84 -15.68
C LEU A 49 16.08 17.61 -16.46
N GLY A 50 16.23 18.92 -16.55
CA GLY A 50 15.26 19.76 -17.21
C GLY A 50 15.50 21.21 -16.82
N ARG A 51 14.65 22.08 -17.37
CA ARG A 51 14.79 23.49 -17.11
C ARG A 51 13.45 24.20 -17.20
N GLY A 52 13.22 25.09 -16.24
CA GLY A 52 12.37 26.24 -16.47
C GLY A 52 13.21 27.39 -16.98
N LYS A 53 12.58 28.56 -17.07
CA LYS A 53 13.34 29.77 -17.35
C LYS A 53 13.55 30.62 -16.10
N TYR A 54 13.15 30.11 -14.94
CA TYR A 54 13.61 30.63 -13.66
C TYR A 54 14.71 29.77 -13.05
N SER A 55 14.98 28.60 -13.64
CA SER A 55 15.86 27.62 -13.01
C SER A 55 16.46 26.72 -14.07
N GLU A 56 17.39 25.88 -13.65
CA GLU A 56 17.93 24.79 -14.46
C GLU A 56 18.40 23.70 -13.51
N VAL A 57 17.68 22.59 -13.48
CA VAL A 57 17.97 21.51 -12.55
C VAL A 57 18.87 20.47 -13.22
N PHE A 58 19.74 19.86 -12.43
CA PHE A 58 20.70 18.88 -12.92
C PHE A 58 20.79 17.71 -11.95
N LEU A 59 21.29 16.59 -12.45
CA LEU A 59 21.65 15.46 -11.61
C LEU A 59 23.12 15.62 -11.21
N GLY A 60 23.40 15.47 -9.92
CA GLY A 60 24.69 15.81 -9.38
C GLY A 60 25.25 14.72 -8.50
N ILE A 61 26.46 14.96 -8.02
CA ILE A 61 27.22 13.99 -7.25
C ILE A 61 27.83 14.72 -6.05
N ASP A 62 27.55 14.23 -4.85
CA ASP A 62 28.25 14.75 -3.68
C ASP A 62 29.63 14.13 -3.63
N LEU A 63 30.59 14.77 -4.30
CA LEU A 63 31.91 14.17 -4.53
C LEU A 63 32.53 13.64 -3.25
N GLU A 64 32.21 14.23 -2.11
CA GLU A 64 32.73 13.77 -0.83
C GLU A 64 31.87 12.64 -0.25
N LYS A 65 30.56 12.74 -0.39
CA LYS A 65 29.66 11.69 0.10
C LYS A 65 29.34 10.65 -0.96
N ARG A 66 29.57 10.95 -2.24
CA ARG A 66 29.38 10.04 -3.36
C ARG A 66 27.95 9.52 -3.46
N GLU A 67 26.99 10.28 -2.93
CA GLU A 67 25.58 10.01 -3.18
C GLU A 67 25.10 10.86 -4.34
N LYS A 68 23.88 10.58 -4.78
CA LYS A 68 23.26 11.35 -5.86
C LYS A 68 22.42 12.47 -5.28
N VAL A 69 22.57 13.67 -5.83
CA VAL A 69 21.79 14.84 -5.43
C VAL A 69 21.36 15.57 -6.70
N VAL A 70 20.42 16.50 -6.52
CA VAL A 70 19.89 17.31 -7.61
C VAL A 70 20.24 18.76 -7.35
N ILE A 71 21.05 19.34 -8.22
CA ILE A 71 21.47 20.73 -8.10
C ILE A 71 20.55 21.60 -8.94
N LYS A 72 20.16 22.75 -8.38
CA LYS A 72 19.23 23.68 -9.02
C LYS A 72 19.91 25.04 -9.11
N VAL A 73 20.44 25.36 -10.29
CA VAL A 73 21.13 26.63 -10.51
C VAL A 73 20.07 27.69 -10.83
N LEU A 74 19.91 28.65 -9.94
CA LEU A 74 18.96 29.75 -10.13
C LEU A 74 19.59 30.87 -10.93
N LYS A 75 18.75 31.60 -11.66
CA LYS A 75 19.23 32.79 -12.34
C LYS A 75 19.59 33.86 -11.30
N PRO A 76 20.76 34.50 -11.48
CA PRO A 76 21.24 35.55 -10.57
C PRO A 76 20.61 36.90 -10.88
N VAL A 77 19.40 36.88 -11.45
CA VAL A 77 18.69 38.11 -11.79
C VAL A 77 17.81 38.58 -10.64
N LYS A 78 17.36 37.63 -9.83
CA LYS A 78 16.49 37.93 -8.69
C LYS A 78 17.07 37.39 -7.39
N ARG A 79 16.95 38.18 -6.33
CA ARG A 79 17.46 37.79 -5.04
C ARG A 79 16.39 37.55 -3.98
N LYS A 80 15.36 38.37 -3.96
CA LYS A 80 14.29 38.20 -2.98
C LYS A 80 13.57 36.87 -3.20
N LYS A 81 13.27 36.52 -4.45
CA LYS A 81 12.72 35.19 -4.74
C LYS A 81 13.74 34.10 -4.44
N ILE A 82 15.03 34.40 -4.63
CA ILE A 82 16.08 33.41 -4.35
C ILE A 82 16.12 33.09 -2.86
N LYS A 83 16.20 34.12 -2.02
CA LYS A 83 16.25 33.91 -0.58
C LYS A 83 14.91 33.48 -0.01
N ARG A 84 13.81 33.76 -0.71
CA ARG A 84 12.50 33.29 -0.25
C ARG A 84 12.40 31.78 -0.32
N GLU A 85 12.89 31.18 -1.42
CA GLU A 85 12.85 29.73 -1.54
C GLU A 85 13.77 29.06 -0.54
N ILE A 86 14.98 29.61 -0.36
CA ILE A 86 15.90 29.09 0.65
C ILE A 86 15.32 29.25 2.04
N SER A 87 14.58 30.35 2.27
CA SER A 87 13.95 30.55 3.57
C SER A 87 12.89 29.49 3.85
N ILE A 88 12.08 29.16 2.86
CA ILE A 88 10.98 28.22 3.07
C ILE A 88 11.51 26.80 3.24
N LEU A 89 12.49 26.41 2.41
CA LEU A 89 13.04 25.06 2.50
C LEU A 89 13.77 24.84 3.82
N LYS A 90 14.46 25.86 4.32
CA LYS A 90 15.15 25.73 5.60
C LYS A 90 14.15 25.59 6.76
N ASN A 91 13.00 26.25 6.65
CA ASN A 91 12.00 26.15 7.72
C ASN A 91 11.25 24.83 7.67
N LEU A 92 10.97 24.32 6.47
CA LEU A 92 10.32 23.02 6.30
C LEU A 92 11.31 21.88 6.17
N VAL A 93 12.44 21.96 6.88
CA VAL A 93 13.51 20.97 6.70
C VAL A 93 13.09 19.61 7.26
N ASP A 94 12.40 19.61 8.41
CA ASP A 94 12.01 18.35 9.04
C ASP A 94 10.51 18.14 8.90
N GLY A 95 9.98 18.35 7.70
CA GLY A 95 8.57 18.18 7.45
C GLY A 95 8.27 16.86 6.76
N PRO A 96 7.09 16.31 7.02
CA PRO A 96 6.69 15.05 6.37
C PRO A 96 6.55 15.24 4.86
N ASN A 97 7.27 14.41 4.11
CA ASN A 97 7.18 14.36 2.65
C ASN A 97 7.55 15.69 2.00
N ILE A 98 8.40 16.48 2.66
CA ILE A 98 8.93 17.72 2.11
C ILE A 98 10.32 17.41 1.54
N ILE A 99 10.58 17.94 0.34
CA ILE A 99 11.88 17.71 -0.28
C ILE A 99 12.96 18.34 0.58
N ALA A 100 14.04 17.59 0.81
CA ALA A 100 15.09 18.00 1.73
C ALA A 100 16.14 18.82 0.99
N MET A 101 16.43 20.01 1.52
CA MET A 101 17.51 20.84 1.01
C MET A 101 18.76 20.55 1.80
N LEU A 102 19.80 20.07 1.13
CA LEU A 102 21.00 19.60 1.81
C LEU A 102 22.09 20.65 1.90
N ASP A 103 22.23 21.51 0.88
CA ASP A 103 23.31 22.48 0.87
C ASP A 103 22.95 23.62 -0.08
N VAL A 104 23.67 24.73 0.07
CA VAL A 104 23.52 25.90 -0.79
C VAL A 104 24.92 26.37 -1.17
N VAL A 105 25.18 26.46 -2.48
CA VAL A 105 26.49 26.85 -3.00
C VAL A 105 26.32 28.02 -3.95
N ARG A 106 27.44 28.65 -4.30
CA ARG A 106 27.45 29.81 -5.18
C ARG A 106 28.64 29.67 -6.13
N GLU A 107 28.94 30.76 -6.85
CA GLU A 107 30.01 30.80 -7.85
C GLU A 107 29.82 29.75 -8.94
N THR A 112 25.50 33.08 -9.49
CA THR A 112 24.56 31.97 -9.65
C THR A 112 24.50 31.11 -8.38
N PRO A 113 23.44 31.28 -7.60
CA PRO A 113 23.24 30.42 -6.43
C PRO A 113 22.77 29.04 -6.81
N GLY A 114 23.37 28.03 -6.20
CA GLY A 114 22.98 26.65 -6.43
C GLY A 114 22.44 25.98 -5.19
N LEU A 115 21.26 25.36 -5.31
CA LEU A 115 20.59 24.73 -4.19
C LEU A 115 20.66 23.22 -4.35
N ILE A 116 21.15 22.54 -3.32
CA ILE A 116 21.38 21.09 -3.36
C ILE A 116 20.21 20.40 -2.67
N PHE A 117 19.50 19.55 -3.41
CA PHE A 117 18.39 18.78 -2.89
C PHE A 117 18.74 17.30 -2.85
N GLU A 118 17.99 16.55 -2.05
CA GLU A 118 18.12 15.10 -2.05
C GLU A 118 17.53 14.52 -3.34
N HIS A 119 18.16 13.46 -3.82
CA HIS A 119 17.71 12.80 -5.05
C HIS A 119 16.68 11.72 -4.72
N ILE A 120 15.57 11.74 -5.45
CA ILE A 120 14.50 10.78 -5.28
C ILE A 120 14.44 9.91 -6.53
N ASN A 121 14.65 8.61 -6.36
CA ASN A 121 14.57 7.65 -7.47
C ASN A 121 13.10 7.54 -7.88
N ASN A 122 12.66 8.52 -8.65
CA ASN A 122 11.26 8.65 -9.03
C ASN A 122 11.05 8.25 -10.48
N ILE A 123 9.79 8.06 -10.83
CA ILE A 123 9.36 7.84 -12.21
C ILE A 123 8.40 8.97 -12.58
N ASP A 124 8.43 9.35 -13.87
CA ASP A 124 7.57 10.43 -14.35
C ASP A 124 6.11 10.12 -14.06
N PHE A 125 5.28 11.17 -14.13
CA PHE A 125 3.88 11.02 -13.75
C PHE A 125 2.99 10.55 -14.90
N ARG A 126 3.32 10.91 -16.14
CA ARG A 126 2.53 10.45 -17.27
C ARG A 126 2.63 8.94 -17.48
N SER A 127 3.50 8.25 -16.75
CA SER A 127 3.67 6.81 -16.87
C SER A 127 3.38 6.04 -15.59
N LEU A 128 3.67 6.62 -14.42
CA LEU A 128 3.47 5.90 -13.16
C LEU A 128 2.01 5.94 -12.72
N TYR A 129 1.30 7.04 -12.99
CA TYR A 129 -0.08 7.17 -12.50
C TYR A 129 -1.03 6.24 -13.22
N PRO A 130 -0.99 6.05 -14.55
CA PRO A 130 -1.90 5.09 -15.20
C PRO A 130 -1.77 3.67 -14.66
N THR A 131 -0.74 3.36 -13.89
CA THR A 131 -0.58 2.06 -13.26
C THR A 131 -1.11 2.01 -11.84
N PHE A 132 -1.64 3.12 -11.32
CA PHE A 132 -2.08 3.16 -9.94
C PHE A 132 -3.38 2.39 -9.77
N THR A 133 -3.53 1.76 -8.60
CA THR A 133 -4.76 1.10 -8.21
C THR A 133 -5.58 2.05 -7.34
N ASP A 134 -6.69 1.54 -6.79
CA ASP A 134 -7.55 2.37 -5.95
C ASP A 134 -6.83 2.80 -4.69
N TYR A 135 -6.15 1.86 -4.02
CA TYR A 135 -5.47 2.19 -2.77
C TYR A 135 -4.09 2.81 -2.99
N ASP A 136 -3.55 2.74 -4.21
CA ASP A 136 -2.35 3.52 -4.50
C ASP A 136 -2.67 5.00 -4.62
N ILE A 137 -3.88 5.34 -5.09
CA ILE A 137 -4.30 6.73 -5.15
C ILE A 137 -4.57 7.27 -3.75
N ARG A 138 -5.31 6.51 -2.95
CA ARG A 138 -5.62 6.95 -1.59
C ARG A 138 -4.38 7.07 -0.73
N PHE A 139 -3.36 6.25 -0.98
CA PHE A 139 -2.15 6.28 -0.17
C PHE A 139 -1.30 7.50 -0.51
N TYR A 140 -0.92 7.65 -1.77
CA TYR A 140 0.00 8.72 -2.15
C TYR A 140 -0.64 10.10 -2.00
N MET A 141 -1.95 10.20 -2.20
CA MET A 141 -2.61 11.49 -1.98
C MET A 141 -2.66 11.83 -0.51
N TYR A 142 -2.83 10.82 0.36
CA TYR A 142 -2.74 11.07 1.80
C TYR A 142 -1.36 11.53 2.19
N GLU A 143 -0.32 10.97 1.57
CA GLU A 143 1.04 11.43 1.83
C GLU A 143 1.25 12.84 1.31
N LEU A 144 0.60 13.21 0.20
CA LEU A 144 0.67 14.58 -0.28
C LEU A 144 -0.04 15.53 0.68
N LEU A 145 -1.15 15.07 1.28
CA LEU A 145 -1.85 15.89 2.27
C LEU A 145 -1.01 16.08 3.53
N LYS A 146 -0.19 15.08 3.88
CA LYS A 146 0.70 15.24 5.03
C LYS A 146 1.70 16.37 4.81
N ALA A 147 2.22 16.50 3.59
CA ALA A 147 3.16 17.57 3.29
C ALA A 147 2.46 18.92 3.22
N LEU A 148 1.26 18.95 2.65
CA LEU A 148 0.53 20.21 2.54
C LEU A 148 0.10 20.72 3.92
N ASP A 149 -0.38 19.81 4.78
CA ASP A 149 -0.83 20.22 6.10
C ASP A 149 0.31 20.74 6.96
N TYR A 150 1.52 20.22 6.76
CA TYR A 150 2.66 20.67 7.57
C TYR A 150 3.05 22.10 7.22
N SER A 151 3.30 22.37 5.94
CA SER A 151 3.72 23.71 5.53
C SER A 151 2.62 24.73 5.80
N HIS A 152 1.35 24.33 5.64
CA HIS A 152 0.25 25.21 6.03
C HIS A 152 0.30 25.51 7.52
N SER A 153 0.62 24.50 8.34
CA SER A 153 0.79 24.72 9.77
C SER A 153 2.03 25.54 10.08
N MET A 154 2.95 25.67 9.13
CA MET A 154 4.13 26.51 9.28
C MET A 154 3.98 27.86 8.60
N GLY A 155 2.77 28.21 8.15
CA GLY A 155 2.53 29.49 7.54
C GLY A 155 3.06 29.64 6.13
N ILE A 156 3.17 28.54 5.40
CA ILE A 156 3.70 28.55 4.03
C ILE A 156 2.74 27.81 3.13
N MET A 157 2.34 28.46 2.04
CA MET A 157 1.50 27.84 1.02
C MET A 157 2.35 27.57 -0.22
N HIS A 158 2.18 26.37 -0.80
CA HIS A 158 3.02 25.96 -1.91
C HIS A 158 2.74 26.77 -3.17
N ARG A 159 1.46 26.97 -3.48
CA ARG A 159 1.01 27.77 -4.63
C ARG A 159 1.48 27.19 -5.97
N ASP A 160 1.77 25.89 -6.02
CA ASP A 160 2.14 25.23 -7.27
C ASP A 160 2.00 23.72 -7.16
N VAL A 161 0.88 23.26 -6.61
CA VAL A 161 0.65 21.82 -6.43
C VAL A 161 0.21 21.24 -7.77
N LYS A 162 1.01 20.33 -8.32
CA LYS A 162 0.71 19.65 -9.57
C LYS A 162 1.48 18.35 -9.60
N PRO A 163 1.04 17.36 -10.39
CA PRO A 163 1.75 16.08 -10.42
C PRO A 163 3.22 16.18 -10.80
N HIS A 164 3.60 17.22 -11.55
CA HIS A 164 5.01 17.41 -11.89
C HIS A 164 5.84 17.65 -10.63
N ASN A 165 5.32 18.47 -9.71
CA ASN A 165 6.04 18.84 -8.50
C ASN A 165 5.85 17.83 -7.36
N VAL A 166 5.48 16.59 -7.67
CA VAL A 166 5.27 15.55 -6.67
C VAL A 166 6.11 14.34 -7.09
N MET A 167 7.24 14.15 -6.42
CA MET A 167 8.10 12.99 -6.68
C MET A 167 7.57 11.78 -5.92
N ILE A 168 7.65 10.61 -6.55
CA ILE A 168 7.17 9.37 -5.94
C ILE A 168 8.19 8.28 -6.21
N ASP A 169 8.77 7.73 -5.15
CA ASP A 169 9.62 6.54 -5.23
C ASP A 169 8.73 5.35 -4.87
N HIS A 170 8.09 4.78 -5.89
CA HIS A 170 7.14 3.70 -5.65
C HIS A 170 7.84 2.46 -5.09
N ASP A 171 9.13 2.29 -5.37
CA ASP A 171 9.86 1.15 -4.82
C ASP A 171 9.96 1.24 -3.30
N LYS A 172 9.94 2.45 -2.74
CA LYS A 172 10.04 2.65 -1.30
C LYS A 172 8.76 3.18 -0.69
N LYS A 173 7.68 3.33 -1.48
CA LYS A 173 6.44 3.96 -1.01
C LYS A 173 6.72 5.34 -0.42
N LEU A 174 7.50 6.12 -1.17
CA LEU A 174 7.99 7.42 -0.71
C LEU A 174 7.45 8.52 -1.61
N LEU A 175 7.08 9.65 -0.99
CA LEU A 175 6.56 10.80 -1.71
C LEU A 175 7.20 12.06 -1.18
N ARG A 176 7.54 12.98 -2.08
CA ARG A 176 8.15 14.25 -1.73
C ARG A 176 7.57 15.35 -2.59
N LEU A 177 7.19 16.46 -1.96
CA LEU A 177 6.67 17.63 -2.67
C LEU A 177 7.83 18.58 -2.96
N ILE A 178 8.06 18.85 -4.25
CA ILE A 178 9.22 19.64 -4.66
C ILE A 178 8.79 20.96 -5.27
N ASP A 179 9.77 21.72 -5.79
CA ASP A 179 9.55 23.00 -6.45
C ASP A 179 8.87 24.13 -5.68
N TRP A 180 9.50 24.59 -4.60
CA TRP A 180 9.00 25.68 -3.79
C TRP A 180 9.34 27.10 -4.23
N GLY A 181 9.64 27.29 -5.52
CA GLY A 181 9.97 28.61 -6.02
C GLY A 181 8.82 29.59 -6.03
N LEU A 182 7.58 29.07 -6.02
CA LEU A 182 6.39 29.92 -5.97
C LEU A 182 5.77 29.98 -4.59
N ALA A 183 6.31 29.27 -3.62
CA ALA A 183 5.75 29.27 -2.27
C ALA A 183 5.99 30.61 -1.59
N GLU A 184 5.03 31.02 -0.76
CA GLU A 184 5.07 32.32 -0.11
C GLU A 184 4.50 32.19 1.30
N TYR A 185 5.06 32.97 2.22
CA TYR A 185 4.56 33.01 3.59
C TYR A 185 3.18 33.67 3.63
N TYR A 186 2.34 33.19 4.54
CA TYR A 186 0.98 33.68 4.68
C TYR A 186 0.87 34.59 5.89
N HIS A 187 0.64 35.88 5.64
CA HIS A 187 0.25 36.82 6.68
C HIS A 187 -1.21 37.19 6.47
N PRO A 188 -2.04 37.16 7.51
CA PRO A 188 -3.47 37.45 7.32
C PRO A 188 -3.69 38.87 6.83
N GLY A 189 -4.52 39.00 5.80
CA GLY A 189 -4.81 40.30 5.21
C GLY A 189 -3.89 40.71 4.09
N THR A 190 -3.03 39.81 3.62
CA THR A 190 -2.07 40.14 2.57
C THR A 190 -2.67 39.90 1.19
N GLU A 191 -2.36 40.80 0.25
CA GLU A 191 -2.79 40.69 -1.14
C GLU A 191 -1.62 40.11 -1.93
N TYR A 192 -1.79 38.89 -2.45
CA TYR A 192 -0.72 38.17 -3.12
C TYR A 192 -0.87 38.23 -4.63
N ASN A 193 0.22 37.91 -5.31
CA ASN A 193 0.22 37.83 -6.77
C ASN A 193 -0.65 36.66 -7.22
N VAL A 194 -1.58 36.94 -8.15
CA VAL A 194 -2.44 35.88 -8.67
C VAL A 194 -1.79 35.09 -9.80
N ARG A 195 -0.65 35.55 -10.32
CA ARG A 195 0.06 34.85 -11.38
C ARG A 195 0.94 33.74 -10.79
N VAL A 196 0.29 32.82 -10.10
CA VAL A 196 0.97 31.68 -9.47
C VAL A 196 0.32 30.40 -9.97
N ALA A 197 0.93 29.27 -9.59
CA ALA A 197 0.50 27.94 -10.00
C ALA A 197 0.50 27.81 -11.52
N SER A 198 -0.13 26.74 -12.02
CA SER A 198 -0.23 26.50 -13.44
C SER A 198 -1.70 26.39 -13.85
N ARG A 199 -1.94 26.58 -15.16
CA ARG A 199 -3.28 26.81 -15.67
C ARG A 199 -4.26 25.71 -15.23
N TYR A 200 -3.87 24.45 -15.38
CA TYR A 200 -4.79 23.35 -15.09
C TYR A 200 -5.15 23.26 -13.61
N PHE A 201 -4.40 23.94 -12.73
CA PHE A 201 -4.62 23.82 -11.30
C PHE A 201 -4.81 25.18 -10.62
N LYS A 202 -5.07 26.23 -11.38
CA LYS A 202 -5.33 27.53 -10.78
C LYS A 202 -6.73 27.54 -10.17
N GLY A 203 -6.83 28.05 -8.94
CA GLY A 203 -8.10 28.16 -8.28
C GLY A 203 -8.92 29.30 -8.86
N PRO A 204 -10.23 29.28 -8.60
CA PRO A 204 -11.08 30.38 -9.08
C PRO A 204 -10.66 31.74 -8.56
N GLU A 205 -10.02 31.80 -7.39
CA GLU A 205 -9.56 33.08 -6.86
C GLU A 205 -8.43 33.66 -7.71
N LEU A 206 -7.67 32.82 -8.39
CA LEU A 206 -6.61 33.31 -9.26
C LEU A 206 -7.13 33.77 -10.60
N LEU A 207 -8.21 33.15 -11.09
CA LEU A 207 -8.76 33.50 -12.40
C LEU A 207 -9.63 34.74 -12.37
N VAL A 208 -10.14 35.13 -11.20
CA VAL A 208 -10.91 36.35 -11.06
C VAL A 208 -10.11 37.46 -10.40
N ASP A 209 -8.82 37.23 -10.15
CA ASP A 209 -7.92 38.19 -9.51
C ASP A 209 -8.43 38.58 -8.13
N TYR A 210 -8.61 37.56 -7.29
CA TYR A 210 -8.89 37.76 -5.86
C TYR A 210 -7.60 37.42 -5.11
N ARG A 211 -6.92 38.47 -4.63
CA ARG A 211 -5.58 38.34 -4.09
C ARG A 211 -5.54 38.01 -2.60
N LEU A 212 -6.69 37.93 -1.94
CA LEU A 212 -6.73 37.62 -0.51
C LEU A 212 -6.91 36.14 -0.24
N TYR A 213 -6.17 35.30 -0.96
CA TYR A 213 -6.27 33.87 -0.78
C TYR A 213 -5.25 33.40 0.26
N ASP A 214 -5.49 32.19 0.79
CA ASP A 214 -4.64 31.64 1.84
C ASP A 214 -4.14 30.25 1.45
N TYR A 215 -3.99 29.36 2.45
CA TYR A 215 -3.61 27.99 2.17
C TYR A 215 -4.66 27.24 1.35
N SER A 216 -5.88 27.79 1.26
CA SER A 216 -6.92 27.16 0.46
C SER A 216 -6.54 27.05 -1.01
N LEU A 217 -5.52 27.81 -1.45
CA LEU A 217 -5.06 27.69 -2.84
C LEU A 217 -4.54 26.29 -3.13
N ASP A 218 -3.74 25.73 -2.21
CA ASP A 218 -3.13 24.43 -2.45
C ASP A 218 -4.15 23.29 -2.45
N MET A 219 -5.27 23.55 -1.84
CA MET A 219 -6.39 22.65 -1.75
C MET A 219 -7.20 22.45 -2.99
N TRP A 220 -7.36 23.48 -3.76
CA TRP A 220 -8.00 23.40 -5.07
C TRP A 220 -7.11 22.65 -6.06
N SER A 221 -5.81 22.95 -6.06
CA SER A 221 -4.88 22.20 -6.90
C SER A 221 -4.81 20.73 -6.50
N PHE A 222 -4.97 20.44 -5.20
CA PHE A 222 -5.05 19.05 -4.77
C PHE A 222 -6.32 18.38 -5.29
N GLY A 223 -7.43 19.10 -5.27
CA GLY A 223 -8.66 18.54 -5.81
C GLY A 223 -8.59 18.31 -7.31
N CYS A 224 -7.90 19.20 -8.03
CA CYS A 224 -7.71 19.00 -9.46
C CYS A 224 -6.84 17.78 -9.75
N MET A 225 -5.90 17.47 -8.84
CA MET A 225 -5.08 16.27 -9.00
C MET A 225 -5.89 15.02 -8.70
N LEU A 226 -6.60 15.01 -7.57
CA LEU A 226 -7.36 13.82 -7.17
C LEU A 226 -8.49 13.52 -8.15
N ALA A 227 -9.14 14.57 -8.68
CA ALA A 227 -10.21 14.36 -9.64
C ALA A 227 -9.67 13.80 -10.96
N SER A 228 -8.44 14.15 -11.32
CA SER A 228 -7.88 13.68 -12.60
C SER A 228 -7.50 12.22 -12.52
N MET A 229 -6.90 11.79 -11.40
CA MET A 229 -6.43 10.41 -11.29
C MET A 229 -7.57 9.43 -11.04
N VAL A 230 -8.61 9.85 -10.33
CA VAL A 230 -9.73 8.94 -10.06
C VAL A 230 -10.65 8.84 -11.27
N PHE A 231 -10.95 9.97 -11.91
CA PHE A 231 -11.82 9.97 -13.08
C PHE A 231 -11.07 9.61 -14.36
N MET A 232 -9.75 9.47 -14.31
CA MET A 232 -8.93 9.13 -15.48
C MET A 232 -9.11 10.16 -16.59
N LYS A 233 -8.94 11.43 -16.24
CA LYS A 233 -9.03 12.53 -17.21
C LYS A 233 -7.99 13.57 -16.83
N GLU A 234 -6.93 13.67 -17.63
CA GLU A 234 -5.81 14.57 -17.33
C GLU A 234 -5.67 15.62 -18.41
N PRO A 235 -5.89 16.91 -18.11
CA PRO A 235 -6.34 17.37 -16.78
C PRO A 235 -7.86 17.31 -16.64
N PHE A 236 -8.36 17.54 -15.43
CA PHE A 236 -9.81 17.53 -15.22
C PHE A 236 -10.45 18.78 -15.82
N PHE A 237 -9.89 19.95 -15.52
CA PHE A 237 -10.34 21.21 -16.09
C PHE A 237 -9.34 21.59 -17.18
N HIS A 238 -9.65 21.20 -18.42
CA HIS A 238 -8.75 21.41 -19.56
C HIS A 238 -9.16 22.70 -20.27
N GLY A 239 -8.46 23.79 -19.96
CA GLY A 239 -8.74 25.09 -20.55
C GLY A 239 -7.58 25.55 -21.42
N LYS A 240 -7.92 26.22 -22.52
CA LYS A 240 -6.89 26.72 -23.43
C LYS A 240 -6.21 27.97 -22.88
N SER A 241 -6.92 28.78 -22.09
CA SER A 241 -6.39 30.03 -21.58
C SER A 241 -6.74 30.15 -20.10
N ASN A 242 -6.29 31.24 -19.48
CA ASN A 242 -6.73 31.54 -18.13
C ASN A 242 -8.20 31.95 -18.12
N THR A 243 -8.66 32.58 -19.20
CA THR A 243 -10.08 32.91 -19.31
C THR A 243 -10.91 31.67 -19.57
N ASP A 244 -10.43 30.78 -20.44
CA ASP A 244 -11.17 29.55 -20.72
C ASP A 244 -11.08 28.57 -19.57
N GLN A 245 -10.02 28.65 -18.75
CA GLN A 245 -9.91 27.77 -17.59
C GLN A 245 -11.04 27.98 -16.61
N LEU A 246 -11.43 29.25 -16.39
CA LEU A 246 -12.57 29.53 -15.52
C LEU A 246 -13.86 29.03 -16.15
N VAL A 247 -13.97 29.08 -17.48
CA VAL A 247 -15.18 28.59 -18.15
C VAL A 247 -15.33 27.08 -17.92
N GLN A 248 -14.22 26.33 -17.96
CA GLN A 248 -14.29 24.90 -17.70
C GLN A 248 -14.68 24.62 -16.25
N ILE A 249 -14.36 25.52 -15.34
CA ILE A 249 -14.74 25.34 -13.94
C ILE A 249 -16.22 25.66 -13.74
N VAL A 250 -16.67 26.79 -14.30
CA VAL A 250 -18.09 27.14 -14.22
C VAL A 250 -18.94 26.12 -14.97
N ARG A 251 -18.37 25.49 -15.94
CA ARG A 251 -19.08 24.50 -16.64
C ARG A 251 -19.48 23.34 -15.74
N VAL A 252 -18.65 23.02 -14.73
CA VAL A 252 -18.88 21.90 -13.82
C VAL A 252 -19.58 22.35 -12.55
N LEU A 253 -19.09 23.43 -11.92
CA LEU A 253 -19.63 23.86 -10.64
C LEU A 253 -20.88 24.73 -10.77
N GLY A 254 -21.23 25.16 -11.98
CA GLY A 254 -22.43 25.95 -12.19
C GLY A 254 -22.19 27.45 -12.01
N SER A 255 -23.11 28.23 -12.56
CA SER A 255 -23.01 29.68 -12.51
C SER A 255 -23.66 30.28 -11.27
N LYS A 256 -24.64 29.60 -10.68
CA LYS A 256 -25.32 30.15 -9.50
C LYS A 256 -24.34 30.33 -8.34
N ASN A 257 -23.58 29.28 -8.02
CA ASN A 257 -22.60 29.37 -6.96
C ASN A 257 -21.43 30.26 -7.32
N PHE A 258 -21.18 30.48 -8.62
CA PHE A 258 -20.08 31.34 -9.02
C PHE A 258 -20.41 32.81 -8.79
N LYS A 259 -21.60 33.24 -9.24
CA LYS A 259 -22.00 34.64 -9.04
C LYS A 259 -22.16 34.98 -7.57
N LYS A 260 -22.56 33.99 -6.80
CA LYS A 260 -22.62 34.11 -5.37
C LYS A 260 -21.26 34.21 -4.72
N TYR A 261 -20.28 33.45 -5.19
CA TYR A 261 -18.89 33.55 -4.74
C TYR A 261 -18.32 34.94 -5.01
N LEU A 262 -18.75 35.57 -6.10
CA LEU A 262 -18.30 36.92 -6.40
C LEU A 262 -19.03 37.96 -5.55
N GLU A 263 -20.35 37.79 -5.36
CA GLU A 263 -21.10 38.75 -4.57
C GLU A 263 -20.73 38.68 -3.09
N LYS A 264 -20.32 37.50 -2.62
CA LYS A 264 -19.92 37.37 -1.21
C LYS A 264 -18.65 38.15 -0.93
N TYR A 265 -17.66 38.04 -1.81
CA TYR A 265 -16.38 38.72 -1.64
C TYR A 265 -16.26 39.98 -2.49
N ASN A 266 -17.37 40.44 -3.07
CA ASN A 266 -17.42 41.65 -3.90
C ASN A 266 -16.25 41.71 -4.88
N ILE A 267 -16.16 40.66 -5.70
CA ILE A 267 -15.10 40.54 -6.70
C ILE A 267 -15.60 41.15 -8.00
N SER A 268 -14.83 42.10 -8.54
CA SER A 268 -15.18 42.75 -9.80
C SER A 268 -14.72 41.85 -10.94
N LEU A 269 -15.65 41.09 -11.51
CA LEU A 269 -15.33 40.21 -12.61
C LEU A 269 -15.25 41.03 -13.90
N GLY A 270 -14.05 41.10 -14.48
CA GLY A 270 -13.86 41.80 -15.73
C GLY A 270 -14.79 41.29 -16.80
N GLU A 271 -15.45 42.20 -17.52
CA GLU A 271 -16.49 41.82 -18.46
C GLU A 271 -15.95 41.05 -19.65
N GLU A 272 -14.65 40.72 -19.63
CA GLU A 272 -14.14 39.70 -20.52
C GLU A 272 -14.77 38.34 -20.25
N TYR A 273 -15.28 38.13 -19.04
CA TYR A 273 -16.01 36.92 -18.68
C TYR A 273 -17.52 37.07 -18.89
N GLU A 274 -17.97 38.14 -19.55
CA GLU A 274 -19.40 38.30 -19.80
C GLU A 274 -19.93 37.21 -20.72
N ASP A 275 -19.10 36.75 -21.67
CA ASP A 275 -19.51 35.70 -22.59
C ASP A 275 -19.75 34.36 -21.89
N ILE A 276 -19.42 34.25 -20.60
CA ILE A 276 -19.78 33.08 -19.82
C ILE A 276 -21.30 33.05 -19.67
N GLY A 277 -21.93 32.01 -20.20
CA GLY A 277 -23.37 31.90 -20.16
C GLY A 277 -23.88 31.24 -18.89
N TYR A 278 -25.16 30.91 -18.90
CA TYR A 278 -25.77 30.22 -17.78
C TYR A 278 -25.34 28.76 -17.76
N TYR A 279 -24.71 28.34 -16.67
CA TYR A 279 -24.29 26.96 -16.48
C TYR A 279 -24.90 26.42 -15.19
N ASN A 280 -25.52 25.26 -15.28
CA ASN A 280 -26.07 24.59 -14.10
C ASN A 280 -25.03 23.64 -13.51
N LYS A 281 -25.07 23.48 -12.19
CA LYS A 281 -24.11 22.62 -11.52
C LYS A 281 -24.34 21.17 -11.93
N ARG A 282 -23.24 20.48 -12.22
CA ARG A 282 -23.30 19.09 -12.64
C ARG A 282 -23.12 18.16 -11.44
N GLN A 283 -23.56 16.91 -11.62
CA GLN A 283 -23.29 15.86 -10.66
C GLN A 283 -21.93 15.23 -10.95
N TRP A 284 -21.15 15.03 -9.89
CA TRP A 284 -19.82 14.45 -10.07
C TRP A 284 -19.89 13.02 -10.59
N VAL A 285 -21.04 12.43 -10.51
CA VAL A 285 -21.25 11.12 -10.97
C VAL A 285 -21.29 11.02 -12.48
N ARG A 286 -21.50 12.11 -13.18
CA ARG A 286 -21.58 12.14 -14.63
C ARG A 286 -20.22 11.89 -15.29
N PHE A 287 -19.12 12.10 -14.57
CA PHE A 287 -17.79 11.85 -15.08
C PHE A 287 -17.33 10.41 -14.88
N MET A 288 -18.23 9.53 -14.44
CA MET A 288 -17.89 8.14 -14.18
C MET A 288 -18.21 7.29 -15.40
N ASN A 289 -17.24 6.49 -15.82
CA ASN A 289 -17.38 5.61 -16.98
C ASN A 289 -16.89 4.21 -16.59
N GLU A 290 -16.88 3.31 -17.59
CA GLU A 290 -16.48 1.93 -17.33
C GLU A 290 -15.02 1.82 -16.93
N ASN A 291 -14.18 2.78 -17.36
CA ASN A 291 -12.76 2.70 -17.05
C ASN A 291 -12.46 3.09 -15.60
N ASN A 292 -13.10 4.15 -15.11
CA ASN A 292 -12.80 4.68 -13.78
C ASN A 292 -13.82 4.26 -12.73
N LYS A 293 -14.74 3.35 -13.07
CA LYS A 293 -15.82 3.02 -12.14
C LYS A 293 -15.32 2.31 -10.88
N ASP A 294 -14.15 1.66 -10.94
CA ASP A 294 -13.61 1.04 -9.74
C ASP A 294 -12.94 2.05 -8.83
N LEU A 295 -12.38 3.13 -9.39
CA LEU A 295 -11.77 4.16 -8.58
C LEU A 295 -12.82 5.11 -7.99
N VAL A 296 -13.94 5.31 -8.68
CA VAL A 296 -14.99 6.19 -8.20
C VAL A 296 -15.78 5.48 -7.11
N SER A 297 -15.88 6.12 -5.95
CA SER A 297 -16.63 5.59 -4.83
C SER A 297 -17.50 6.68 -4.24
N GLN A 298 -18.47 6.27 -3.42
CA GLN A 298 -19.34 7.24 -2.75
C GLN A 298 -18.54 8.13 -1.82
N GLU A 299 -17.50 7.59 -1.18
CA GLU A 299 -16.65 8.39 -0.32
C GLU A 299 -15.85 9.41 -1.14
N PHE A 300 -15.41 9.03 -2.35
CA PHE A 300 -14.67 9.95 -3.19
C PHE A 300 -15.56 11.07 -3.69
N LEU A 301 -16.76 10.73 -4.17
CA LEU A 301 -17.66 11.75 -4.71
C LEU A 301 -18.05 12.77 -3.65
N ASP A 302 -18.05 12.37 -2.38
CA ASP A 302 -18.30 13.33 -1.31
C ASP A 302 -17.08 14.22 -1.08
N LEU A 303 -15.90 13.61 -1.00
CA LEU A 303 -14.69 14.36 -0.73
C LEU A 303 -14.40 15.36 -1.86
N ILE A 304 -14.51 14.91 -3.11
CA ILE A 304 -14.21 15.80 -4.23
C ILE A 304 -15.24 16.92 -4.32
N ASP A 305 -16.45 16.69 -3.82
CA ASP A 305 -17.46 17.74 -3.84
C ASP A 305 -17.17 18.83 -2.82
N ARG A 306 -16.53 18.47 -1.71
CA ARG A 306 -16.17 19.43 -0.67
C ARG A 306 -14.78 20.02 -0.85
N LEU A 307 -14.06 19.62 -1.89
CA LEU A 307 -12.75 20.17 -2.21
C LEU A 307 -12.82 21.22 -3.32
N LEU A 308 -13.47 20.88 -4.44
CA LEU A 308 -13.58 21.78 -5.59
C LEU A 308 -14.77 22.72 -5.36
N ARG A 309 -14.51 23.78 -4.60
CA ARG A 309 -15.52 24.79 -4.30
C ARG A 309 -15.03 26.15 -4.77
N TYR A 310 -15.99 27.01 -5.13
CA TYR A 310 -15.67 28.40 -5.43
C TYR A 310 -15.12 29.10 -4.19
N ASP A 311 -15.89 29.07 -3.10
CA ASP A 311 -15.49 29.71 -1.85
C ASP A 311 -14.27 28.99 -1.29
N HIS A 312 -13.13 29.69 -1.25
CA HIS A 312 -11.91 29.12 -0.70
C HIS A 312 -12.04 28.83 0.79
N GLN A 313 -12.93 29.52 1.50
CA GLN A 313 -13.10 29.29 2.93
C GLN A 313 -13.90 28.02 3.21
N GLU A 314 -14.85 27.68 2.34
CA GLU A 314 -15.68 26.50 2.55
C GLU A 314 -15.02 25.22 2.05
N ARG A 315 -13.87 25.31 1.38
CA ARG A 315 -13.15 24.12 0.98
C ARG A 315 -12.58 23.40 2.19
N LEU A 316 -12.35 22.11 2.03
CA LEU A 316 -11.76 21.32 3.12
C LEU A 316 -10.29 21.68 3.28
N THR A 317 -9.86 21.82 4.53
CA THR A 317 -8.45 22.01 4.81
C THR A 317 -7.69 20.70 4.60
N ALA A 318 -6.37 20.79 4.62
CA ALA A 318 -5.54 19.60 4.46
C ALA A 318 -5.77 18.61 5.59
N LYS A 319 -5.99 19.11 6.80
CA LYS A 319 -6.26 18.23 7.93
C LYS A 319 -7.66 17.62 7.84
N GLU A 320 -8.65 18.42 7.42
CA GLU A 320 -10.00 17.90 7.29
C GLU A 320 -10.11 16.88 6.16
N ALA A 321 -9.35 17.07 5.08
CA ALA A 321 -9.35 16.09 4.00
C ALA A 321 -8.72 14.77 4.44
N MET A 322 -7.75 14.82 5.34
CA MET A 322 -7.12 13.59 5.82
C MET A 322 -8.07 12.77 6.69
N LYS A 323 -8.97 13.42 7.40
CA LYS A 323 -9.95 12.72 8.24
C LYS A 323 -11.17 12.26 7.49
N HIS A 324 -11.27 12.56 6.19
CA HIS A 324 -12.40 12.12 5.39
C HIS A 324 -12.40 10.59 5.28
N ALA A 325 -13.60 10.03 5.17
CA ALA A 325 -13.76 8.58 5.09
C ALA A 325 -13.16 7.98 3.82
N TYR A 326 -12.81 8.82 2.84
CA TYR A 326 -12.20 8.31 1.62
C TYR A 326 -10.84 7.68 1.88
N PHE A 327 -10.15 8.11 2.94
CA PHE A 327 -8.85 7.57 3.31
C PHE A 327 -8.94 6.57 4.45
N ASP A 328 -10.14 6.14 4.82
CA ASP A 328 -10.28 5.13 5.87
C ASP A 328 -9.58 3.81 5.55
N PRO A 329 -9.67 3.25 4.33
CA PRO A 329 -8.99 1.97 4.08
C PRO A 329 -7.47 2.05 4.13
N ILE A 330 -6.88 3.24 4.25
CA ILE A 330 -5.43 3.39 4.26
C ILE A 330 -4.92 4.12 5.48
N ARG A 331 -5.79 4.75 6.28
CA ARG A 331 -5.33 5.54 7.41
C ARG A 331 -4.99 4.65 8.59
N VAL A 332 -3.82 4.88 9.18
CA VAL A 332 -3.33 4.10 10.32
C VAL A 332 -3.89 4.72 11.60
N ALA A 333 -4.65 3.93 12.36
CA ALA A 333 -5.20 4.41 13.62
C ALA A 333 -4.39 3.89 14.81
N ARG B 5 -3.45 -49.82 1.36
CA ARG B 5 -4.38 -48.73 1.10
C ARG B 5 -5.43 -48.61 2.20
N HIS B 6 -6.50 -47.87 1.91
CA HIS B 6 -7.61 -47.71 2.84
C HIS B 6 -8.84 -47.32 2.03
N ASN B 7 -9.87 -48.15 2.07
CA ASN B 7 -11.04 -47.92 1.23
C ASN B 7 -11.79 -46.68 1.68
N THR B 8 -12.01 -45.77 0.74
CA THR B 8 -12.71 -44.51 1.02
C THR B 8 -13.26 -43.97 -0.28
N VAL B 9 -14.05 -42.90 -0.17
CA VAL B 9 -14.54 -42.21 -1.35
C VAL B 9 -13.43 -41.34 -1.91
N GLN B 10 -13.24 -41.39 -3.23
CA GLN B 10 -12.05 -40.79 -3.80
C GLN B 10 -12.27 -39.31 -4.11
N SER B 11 -11.16 -38.63 -4.34
CA SER B 11 -11.16 -37.20 -4.61
C SER B 11 -9.84 -36.85 -5.26
N VAL B 12 -9.89 -35.98 -6.26
CA VAL B 12 -8.72 -35.52 -6.99
C VAL B 12 -8.82 -34.00 -7.12
N SER B 13 -7.67 -33.33 -6.98
CA SER B 13 -7.63 -31.89 -7.17
C SER B 13 -8.13 -31.51 -8.56
N ARG B 14 -9.08 -30.58 -8.61
CA ARG B 14 -9.59 -30.14 -9.90
C ARG B 14 -8.63 -29.22 -10.63
N VAL B 15 -7.57 -28.75 -9.96
CA VAL B 15 -6.54 -27.94 -10.59
C VAL B 15 -5.18 -28.48 -10.16
N TYR B 16 -4.17 -28.28 -11.03
CA TYR B 16 -2.79 -28.63 -10.74
C TYR B 16 -2.63 -30.10 -10.34
N ALA B 17 -3.49 -30.97 -10.87
CA ALA B 17 -3.40 -32.38 -10.53
C ALA B 17 -2.34 -33.11 -11.34
N ASP B 18 -2.11 -32.69 -12.59
CA ASP B 18 -1.17 -33.37 -13.48
C ASP B 18 0.10 -32.56 -13.71
N VAL B 19 0.48 -31.72 -12.75
CA VAL B 19 1.72 -30.96 -12.88
C VAL B 19 2.93 -31.89 -12.82
N LEU B 20 2.94 -32.80 -11.83
CA LEU B 20 4.03 -33.75 -11.70
C LEU B 20 4.06 -34.75 -12.86
N SER B 21 2.97 -34.87 -13.61
CA SER B 21 2.99 -35.68 -14.83
C SER B 21 3.82 -35.03 -15.92
N THR B 22 4.05 -33.72 -15.84
CA THR B 22 4.80 -32.97 -16.84
C THR B 22 6.26 -32.77 -16.47
N LYS B 23 6.71 -33.36 -15.36
CA LYS B 23 8.06 -33.17 -14.88
C LYS B 23 8.77 -34.52 -14.74
N PRO B 24 10.10 -34.54 -14.87
CA PRO B 24 10.82 -35.81 -14.75
C PRO B 24 10.70 -36.39 -13.35
N GLN B 25 11.08 -37.67 -13.23
CA GLN B 25 11.13 -38.31 -11.92
C GLN B 25 12.11 -37.61 -11.00
N SER B 26 13.11 -36.92 -11.56
CA SER B 26 14.07 -36.17 -10.77
C SER B 26 13.42 -35.08 -9.93
N TYR B 27 12.23 -34.64 -10.31
CA TYR B 27 11.59 -33.51 -9.64
C TYR B 27 11.02 -33.91 -8.28
N TRP B 28 10.13 -34.92 -8.26
CA TRP B 28 9.40 -35.26 -7.05
C TRP B 28 10.03 -36.39 -6.24
N ASP B 29 10.84 -37.24 -6.87
CA ASP B 29 11.51 -38.31 -6.13
C ASP B 29 12.54 -37.73 -5.17
N TYR B 30 12.09 -37.35 -3.96
CA TYR B 30 12.97 -36.66 -3.03
C TYR B 30 13.92 -37.59 -2.30
N ASP B 31 13.80 -38.91 -2.47
CA ASP B 31 14.74 -39.84 -1.85
C ASP B 31 15.94 -40.15 -2.73
N ASP B 32 15.78 -40.08 -4.06
CA ASP B 32 16.89 -40.24 -4.97
C ASP B 32 17.81 -39.04 -4.99
N LEU B 33 17.36 -37.90 -4.46
CA LEU B 33 18.15 -36.68 -4.47
C LEU B 33 19.48 -36.89 -3.76
N ASN B 34 20.55 -36.36 -4.33
CA ASN B 34 21.87 -36.35 -3.72
C ASN B 34 22.27 -34.90 -3.47
N ILE B 35 22.44 -34.55 -2.20
CA ILE B 35 22.70 -33.19 -1.79
C ILE B 35 24.19 -32.93 -1.73
N LYS B 36 24.62 -31.82 -2.31
CA LYS B 36 26.03 -31.43 -2.29
C LYS B 36 26.25 -30.51 -1.09
N TRP B 37 26.67 -31.10 0.02
CA TRP B 37 26.83 -30.34 1.25
C TRP B 37 28.01 -29.38 1.14
N ASN B 38 28.01 -28.39 2.02
CA ASN B 38 28.99 -27.31 2.04
C ASN B 38 29.48 -27.10 3.46
N PRO B 39 30.65 -26.47 3.63
CA PRO B 39 31.16 -26.24 4.98
C PRO B 39 30.22 -25.38 5.81
N GLN B 40 30.06 -25.78 7.08
CA GLN B 40 29.17 -25.07 7.99
C GLN B 40 29.84 -23.88 8.65
N GLU B 41 31.17 -23.83 8.66
CA GLU B 41 31.92 -22.78 9.34
C GLU B 41 31.76 -21.42 8.66
N ASN B 42 31.25 -21.38 7.43
CA ASN B 42 30.95 -20.10 6.79
C ASN B 42 29.79 -19.37 7.45
N TYR B 43 29.03 -20.06 8.30
CA TYR B 43 27.90 -19.45 9.01
C TYR B 43 28.05 -19.72 10.50
N GLU B 44 27.96 -18.65 11.29
CA GLU B 44 28.02 -18.75 12.74
C GLU B 44 26.69 -18.30 13.34
N ILE B 45 26.39 -18.84 14.52
CA ILE B 45 25.13 -18.56 15.20
C ILE B 45 25.30 -17.32 16.07
N LEU B 46 24.37 -16.39 15.94
CA LEU B 46 24.35 -15.17 16.74
C LEU B 46 23.33 -15.22 17.86
N ARG B 47 22.10 -15.59 17.55
CA ARG B 47 21.01 -15.61 18.52
C ARG B 47 20.06 -16.73 18.16
N LYS B 48 19.63 -17.50 19.17
CA LYS B 48 18.67 -18.56 18.92
C LYS B 48 17.29 -17.97 18.68
N LEU B 49 16.63 -18.43 17.62
CA LEU B 49 15.36 -17.84 17.21
C LEU B 49 14.19 -18.63 17.77
N GLY B 50 14.00 -19.86 17.30
CA GLY B 50 12.86 -20.64 17.74
C GLY B 50 13.15 -22.11 18.01
N ARG B 51 12.48 -22.66 19.02
CA ARG B 51 12.58 -24.07 19.32
C ARG B 51 11.70 -24.87 18.35
N GLY B 52 11.66 -26.18 18.54
CA GLY B 52 10.86 -27.01 17.67
C GLY B 52 10.80 -28.47 18.08
N LYS B 53 9.70 -29.13 17.72
CA LYS B 53 9.54 -30.56 17.94
C LYS B 53 10.52 -31.37 17.10
N TYR B 54 11.04 -30.80 16.03
CA TYR B 54 11.88 -31.51 15.08
C TYR B 54 13.10 -30.71 14.63
N SER B 55 13.24 -29.46 15.05
CA SER B 55 14.31 -28.61 14.55
C SER B 55 14.53 -27.46 15.53
N GLU B 56 15.59 -26.69 15.26
CA GLU B 56 15.88 -25.46 15.99
C GLU B 56 16.33 -24.41 14.99
N VAL B 57 15.85 -23.19 15.18
CA VAL B 57 16.11 -22.08 14.27
C VAL B 57 16.92 -21.02 15.01
N PHE B 58 17.95 -20.51 14.35
CA PHE B 58 18.86 -19.52 14.93
C PHE B 58 19.03 -18.35 13.98
N LEU B 59 19.60 -17.27 14.51
CA LEU B 59 20.02 -16.15 13.68
C LEU B 59 21.49 -16.37 13.29
N GLY B 60 21.79 -16.19 12.00
CA GLY B 60 23.08 -16.55 11.46
C GLY B 60 23.81 -15.36 10.87
N ILE B 61 25.07 -15.62 10.50
CA ILE B 61 25.94 -14.63 9.87
C ILE B 61 26.64 -15.31 8.70
N ASP B 62 26.61 -14.67 7.53
CA ASP B 62 27.26 -15.22 6.34
C ASP B 62 28.67 -14.66 6.26
N LEU B 63 29.57 -15.28 7.03
CA LEU B 63 30.91 -14.76 7.32
C LEU B 63 31.64 -14.12 6.14
N GLU B 64 31.37 -14.59 4.91
CA GLU B 64 32.01 -13.96 3.75
C GLU B 64 31.17 -12.79 3.25
N LYS B 65 29.84 -12.98 3.11
CA LYS B 65 28.96 -11.87 2.75
C LYS B 65 28.64 -10.98 3.95
N ARG B 66 28.72 -11.52 5.16
CA ARG B 66 28.46 -10.78 6.40
C ARG B 66 27.05 -10.21 6.45
N GLU B 67 26.15 -10.76 5.65
CA GLU B 67 24.74 -10.44 5.74
C GLU B 67 24.05 -11.36 6.74
N LYS B 68 22.82 -11.03 7.08
CA LYS B 68 22.05 -11.83 8.02
C LYS B 68 21.40 -13.01 7.31
N VAL B 69 21.52 -14.20 7.92
CA VAL B 69 20.88 -15.40 7.41
C VAL B 69 20.20 -16.11 8.57
N VAL B 70 19.39 -17.10 8.24
CA VAL B 70 18.62 -17.87 9.22
C VAL B 70 18.96 -19.34 9.03
N ILE B 71 19.49 -19.96 10.09
CA ILE B 71 19.91 -21.35 10.06
C ILE B 71 18.88 -22.19 10.80
N LYS B 72 18.38 -23.23 10.12
CA LYS B 72 17.44 -24.18 10.71
C LYS B 72 18.14 -25.54 10.76
N VAL B 73 18.66 -25.89 11.94
CA VAL B 73 19.33 -27.17 12.13
C VAL B 73 18.27 -28.21 12.49
N LEU B 74 18.50 -29.44 12.04
CA LEU B 74 17.51 -30.51 12.17
C LEU B 74 18.08 -31.67 12.96
N LYS B 75 17.23 -32.40 13.64
CA LYS B 75 17.62 -33.64 14.28
C LYS B 75 17.72 -34.61 13.10
N PRO B 76 18.68 -35.54 13.09
CA PRO B 76 18.89 -36.41 11.94
C PRO B 76 18.10 -37.68 11.95
N VAL B 77 17.14 -37.79 12.83
CA VAL B 77 16.34 -38.98 12.97
C VAL B 77 15.58 -39.31 11.68
N LYS B 78 15.36 -38.33 10.83
CA LYS B 78 14.69 -38.61 9.57
C LYS B 78 15.40 -38.20 8.30
N ARG B 79 15.96 -39.14 7.58
CA ARG B 79 16.58 -38.92 6.27
C ARG B 79 15.53 -38.52 5.22
N LYS B 80 14.52 -39.37 5.02
CA LYS B 80 13.60 -39.17 3.91
C LYS B 80 12.85 -37.85 4.03
N LYS B 81 12.47 -37.46 5.24
CA LYS B 81 11.77 -36.19 5.43
C LYS B 81 12.71 -35.00 5.28
N ILE B 82 13.93 -35.11 5.83
CA ILE B 82 14.92 -34.06 5.66
C ILE B 82 15.17 -33.80 4.17
N LYS B 83 15.31 -34.88 3.39
CA LYS B 83 15.48 -34.72 1.94
C LYS B 83 14.22 -34.16 1.29
N ARG B 84 13.05 -34.42 1.88
CA ARG B 84 11.80 -33.94 1.30
C ARG B 84 11.71 -32.41 1.40
N GLU B 85 12.10 -31.84 2.53
CA GLU B 85 12.08 -30.39 2.68
C GLU B 85 13.11 -29.72 1.79
N ILE B 86 14.30 -30.30 1.70
CA ILE B 86 15.33 -29.77 0.79
C ILE B 86 14.89 -29.89 -0.65
N SER B 87 14.17 -30.96 -1.00
CA SER B 87 13.70 -31.13 -2.36
C SER B 87 12.68 -30.07 -2.74
N ILE B 88 11.79 -29.72 -1.80
CA ILE B 88 10.74 -28.76 -2.10
C ILE B 88 11.28 -27.34 -2.17
N LEU B 89 12.18 -26.98 -1.24
CA LEU B 89 12.77 -25.65 -1.26
C LEU B 89 13.64 -25.44 -2.49
N LYS B 90 14.19 -26.52 -3.05
CA LYS B 90 15.02 -26.40 -4.24
C LYS B 90 14.20 -26.31 -5.52
N ASN B 91 12.92 -26.68 -5.47
CA ASN B 91 12.05 -26.59 -6.65
C ASN B 91 11.32 -25.26 -6.73
N LEU B 92 11.26 -24.50 -5.65
CA LEU B 92 10.54 -23.23 -5.60
C LEU B 92 11.49 -22.05 -5.41
N VAL B 93 12.68 -22.12 -6.03
CA VAL B 93 13.66 -21.04 -5.84
C VAL B 93 13.26 -19.80 -6.61
N ASP B 94 12.50 -19.95 -7.68
CA ASP B 94 12.00 -18.82 -8.46
C ASP B 94 10.60 -18.40 -8.04
N GLY B 95 10.05 -19.01 -6.99
CA GLY B 95 8.70 -18.74 -6.57
C GLY B 95 8.55 -17.37 -5.94
N PRO B 96 7.50 -16.64 -6.36
CA PRO B 96 7.24 -15.33 -5.75
C PRO B 96 6.79 -15.49 -4.30
N ASN B 97 7.40 -14.71 -3.42
CA ASN B 97 7.11 -14.70 -1.98
C ASN B 97 7.41 -16.04 -1.32
N ILE B 98 8.24 -16.87 -1.94
CA ILE B 98 8.74 -18.10 -1.35
C ILE B 98 10.10 -17.81 -0.75
N ILE B 99 10.35 -18.34 0.46
CA ILE B 99 11.63 -18.12 1.11
C ILE B 99 12.74 -18.77 0.30
N ALA B 100 13.88 -18.10 0.24
CA ALA B 100 15.01 -18.54 -0.58
C ALA B 100 16.00 -19.28 0.32
N MET B 101 15.97 -20.61 0.25
CA MET B 101 16.97 -21.42 0.93
C MET B 101 18.32 -21.22 0.25
N LEU B 102 19.27 -20.63 0.97
CA LEU B 102 20.51 -20.21 0.33
C LEU B 102 21.52 -21.35 0.21
N ASP B 103 21.60 -22.21 1.22
CA ASP B 103 22.57 -23.30 1.20
C ASP B 103 22.22 -24.31 2.28
N VAL B 104 22.78 -25.51 2.14
CA VAL B 104 22.71 -26.56 3.15
C VAL B 104 24.12 -26.82 3.65
N VAL B 105 24.23 -27.12 4.95
CA VAL B 105 25.53 -27.40 5.58
C VAL B 105 25.36 -28.60 6.51
N ARG B 106 26.49 -29.02 7.08
CA ARG B 106 26.52 -30.17 7.97
C ARG B 106 26.55 -29.73 9.43
N LYS B 111 26.87 -35.80 12.41
CA LYS B 111 26.25 -34.79 13.25
C LYS B 111 24.81 -34.49 12.81
N THR B 112 24.55 -33.24 12.43
CA THR B 112 23.23 -32.77 12.09
C THR B 112 23.30 -31.95 10.80
N PRO B 113 22.18 -31.83 10.08
CA PRO B 113 22.17 -30.96 8.90
C PRO B 113 21.58 -29.58 9.20
N GLY B 114 22.09 -28.56 8.52
CA GLY B 114 21.60 -27.22 8.70
C GLY B 114 21.24 -26.57 7.36
N LEU B 115 20.13 -25.85 7.35
CA LEU B 115 19.61 -25.21 6.15
C LEU B 115 19.67 -23.71 6.31
N ILE B 116 20.28 -23.03 5.35
CA ILE B 116 20.48 -21.58 5.39
C ILE B 116 19.34 -20.92 4.62
N PHE B 117 18.59 -20.05 5.29
CA PHE B 117 17.53 -19.28 4.69
C PHE B 117 17.89 -17.80 4.70
N GLU B 118 17.29 -17.05 3.77
CA GLU B 118 17.47 -15.61 3.77
C GLU B 118 16.76 -14.98 4.96
N HIS B 119 17.28 -13.86 5.43
CA HIS B 119 16.74 -13.19 6.60
C HIS B 119 15.74 -12.11 6.19
N ILE B 120 14.62 -12.06 6.89
CA ILE B 120 13.57 -11.09 6.64
C ILE B 120 13.35 -10.28 7.92
N ASN B 121 13.48 -8.98 7.83
CA ASN B 121 13.29 -8.14 8.97
C ASN B 121 11.81 -7.92 9.19
N ASN B 122 11.20 -8.40 10.25
CA ASN B 122 9.75 -8.35 10.42
C ASN B 122 9.30 -8.28 11.87
N ILE B 123 8.04 -7.89 12.07
CA ILE B 123 7.48 -7.79 13.41
C ILE B 123 6.50 -8.96 13.53
N ASP B 124 6.41 -9.52 14.73
CA ASP B 124 5.52 -10.64 15.02
C ASP B 124 4.13 -10.25 14.56
N PHE B 125 3.33 -11.26 14.21
CA PHE B 125 2.07 -11.00 13.51
C PHE B 125 1.05 -10.29 14.41
N ARG B 126 0.85 -10.80 15.62
CA ARG B 126 -0.17 -10.21 16.49
C ARG B 126 0.27 -8.89 17.11
N SER B 127 1.48 -8.42 16.79
CA SER B 127 1.85 -7.04 17.06
C SER B 127 1.83 -6.16 15.81
N LEU B 128 1.85 -6.78 14.63
CA LEU B 128 1.79 -6.07 13.36
C LEU B 128 0.41 -6.09 12.73
N TYR B 129 -0.31 -7.21 12.84
CA TYR B 129 -1.64 -7.36 12.25
C TYR B 129 -2.67 -6.41 12.86
N PRO B 130 -2.67 -6.19 14.19
CA PRO B 130 -3.61 -5.19 14.75
C PRO B 130 -3.43 -3.80 14.18
N THR B 131 -2.31 -3.50 13.54
CA THR B 131 -2.08 -2.21 12.91
C THR B 131 -2.39 -2.22 11.42
N PHE B 132 -2.87 -3.33 10.88
CA PHE B 132 -3.15 -3.43 9.46
C PHE B 132 -4.43 -2.68 9.10
N THR B 133 -4.37 -1.97 7.98
CA THR B 133 -5.55 -1.29 7.44
C THR B 133 -6.26 -2.24 6.48
N ASP B 134 -7.33 -1.74 5.86
CA ASP B 134 -7.96 -2.49 4.77
C ASP B 134 -6.98 -2.69 3.62
N TYR B 135 -6.17 -1.68 3.34
CA TYR B 135 -5.14 -1.78 2.31
C TYR B 135 -4.13 -2.88 2.65
N ASP B 136 -3.68 -2.92 3.90
CA ASP B 136 -2.63 -3.86 4.28
C ASP B 136 -3.10 -5.30 4.20
N ILE B 137 -4.36 -5.55 4.58
CA ILE B 137 -4.87 -6.92 4.58
C ILE B 137 -5.00 -7.45 3.15
N ARG B 138 -5.62 -6.65 2.28
CA ARG B 138 -5.81 -7.10 0.90
C ARG B 138 -4.47 -7.23 0.17
N PHE B 139 -3.52 -6.33 0.45
CA PHE B 139 -2.24 -6.36 -0.23
C PHE B 139 -1.42 -7.58 0.20
N TYR B 140 -1.30 -7.81 1.51
CA TYR B 140 -0.42 -8.85 2.00
C TYR B 140 -0.99 -10.24 1.76
N MET B 141 -2.30 -10.41 1.94
CA MET B 141 -2.90 -11.72 1.66
C MET B 141 -2.86 -12.05 0.18
N TYR B 142 -2.86 -11.03 -0.69
CA TYR B 142 -2.66 -11.27 -2.10
C TYR B 142 -1.23 -11.71 -2.39
N GLU B 143 -0.26 -11.15 -1.66
CA GLU B 143 1.12 -11.62 -1.78
C GLU B 143 1.26 -13.04 -1.28
N LEU B 144 0.55 -13.39 -0.21
CA LEU B 144 0.56 -14.77 0.27
C LEU B 144 -0.08 -15.72 -0.73
N LEU B 145 -1.10 -15.26 -1.44
CA LEU B 145 -1.72 -16.10 -2.47
C LEU B 145 -0.79 -16.34 -3.64
N LYS B 146 0.12 -15.39 -3.90
CA LYS B 146 1.12 -15.59 -4.95
C LYS B 146 2.01 -16.78 -4.62
N ALA B 147 2.42 -16.90 -3.35
CA ALA B 147 3.28 -18.01 -2.95
C ALA B 147 2.51 -19.33 -2.96
N LEU B 148 1.25 -19.32 -2.55
CA LEU B 148 0.46 -20.54 -2.53
C LEU B 148 0.15 -21.03 -3.94
N ASP B 149 -0.19 -20.11 -4.84
CA ASP B 149 -0.53 -20.52 -6.20
C ASP B 149 0.67 -21.08 -6.95
N TYR B 150 1.86 -20.51 -6.70
CA TYR B 150 3.05 -21.02 -7.37
C TYR B 150 3.41 -22.42 -6.90
N SER B 151 3.43 -22.62 -5.58
CA SER B 151 3.77 -23.94 -5.04
C SER B 151 2.74 -24.98 -5.46
N HIS B 152 1.46 -24.60 -5.52
CA HIS B 152 0.44 -25.52 -6.00
C HIS B 152 0.62 -25.81 -7.49
N SER B 153 0.96 -24.77 -8.28
CA SER B 153 1.23 -24.98 -9.69
C SER B 153 2.50 -25.79 -9.91
N MET B 154 3.36 -25.90 -8.90
CA MET B 154 4.53 -26.76 -8.96
C MET B 154 4.28 -28.11 -8.30
N GLY B 155 3.02 -28.40 -7.94
CA GLY B 155 2.69 -29.69 -7.35
C GLY B 155 3.09 -29.86 -5.92
N ILE B 156 3.09 -28.79 -5.12
CA ILE B 156 3.55 -28.85 -3.74
C ILE B 156 2.50 -28.19 -2.86
N MET B 157 1.97 -28.94 -1.90
CA MET B 157 1.10 -28.39 -0.87
C MET B 157 1.95 -27.96 0.32
N HIS B 158 1.58 -26.84 0.94
CA HIS B 158 2.33 -26.37 2.09
C HIS B 158 1.90 -27.09 3.36
N ARG B 159 0.58 -27.21 3.59
CA ARG B 159 0.02 -27.99 4.69
C ARG B 159 0.39 -27.41 6.05
N ASP B 160 0.65 -26.10 6.12
CA ASP B 160 0.91 -25.44 7.39
C ASP B 160 0.83 -23.93 7.25
N VAL B 161 -0.21 -23.43 6.57
CA VAL B 161 -0.38 -22.00 6.39
C VAL B 161 -0.92 -21.41 7.69
N LYS B 162 -0.16 -20.50 8.28
CA LYS B 162 -0.55 -19.82 9.50
C LYS B 162 0.27 -18.53 9.62
N PRO B 163 -0.20 -17.55 10.39
CA PRO B 163 0.55 -16.29 10.50
C PRO B 163 1.96 -16.45 11.01
N HIS B 164 2.25 -17.51 11.77
CA HIS B 164 3.61 -17.74 12.24
C HIS B 164 4.55 -18.06 11.08
N ASN B 165 4.05 -18.70 10.03
CA ASN B 165 4.87 -19.09 8.89
C ASN B 165 4.83 -18.06 7.77
N VAL B 166 4.34 -16.85 8.03
CA VAL B 166 4.29 -15.78 7.05
C VAL B 166 5.17 -14.64 7.56
N MET B 167 6.32 -14.45 6.94
CA MET B 167 7.28 -13.43 7.34
C MET B 167 7.02 -12.16 6.53
N ILE B 168 6.82 -11.06 7.22
CA ILE B 168 6.46 -9.78 6.59
C ILE B 168 7.48 -8.73 7.00
N ASP B 169 8.11 -8.12 6.00
CA ASP B 169 8.98 -7.00 6.26
C ASP B 169 8.05 -5.91 5.77
N HIS B 170 7.45 -5.16 6.70
CA HIS B 170 6.50 -4.11 6.33
C HIS B 170 7.21 -2.85 5.85
N ASP B 171 8.42 -2.58 6.33
CA ASP B 171 9.15 -1.40 5.88
C ASP B 171 9.49 -1.49 4.40
N LYS B 172 9.64 -2.70 3.88
CA LYS B 172 9.90 -2.93 2.46
C LYS B 172 8.72 -3.55 1.74
N LYS B 173 7.59 -3.75 2.43
CA LYS B 173 6.39 -4.35 1.85
C LYS B 173 6.69 -5.70 1.22
N LEU B 174 7.46 -6.52 1.93
CA LEU B 174 7.81 -7.85 1.48
C LEU B 174 7.05 -8.90 2.29
N LEU B 175 6.86 -10.07 1.69
CA LEU B 175 6.18 -11.18 2.34
C LEU B 175 6.84 -12.47 1.86
N ARG B 176 7.14 -13.36 2.81
CA ARG B 176 7.81 -14.63 2.50
C ARG B 176 7.17 -15.74 3.29
N LEU B 177 6.68 -16.77 2.60
CA LEU B 177 6.16 -17.96 3.26
C LEU B 177 7.33 -18.88 3.60
N ILE B 178 7.39 -19.32 4.86
CA ILE B 178 8.52 -20.05 5.39
C ILE B 178 8.02 -21.37 5.99
N ASP B 179 8.98 -22.14 6.52
CA ASP B 179 8.74 -23.44 7.13
C ASP B 179 8.07 -24.55 6.31
N TRP B 180 8.75 -25.02 5.27
CA TRP B 180 8.25 -26.09 4.42
C TRP B 180 8.53 -27.52 4.85
N GLY B 181 8.69 -27.75 6.15
CA GLY B 181 8.95 -29.10 6.64
C GLY B 181 7.75 -30.02 6.52
N LEU B 182 6.54 -29.46 6.62
CA LEU B 182 5.32 -30.23 6.47
C LEU B 182 4.80 -30.25 5.03
N ALA B 183 5.50 -29.62 4.10
CA ALA B 183 5.07 -29.61 2.71
C ALA B 183 5.20 -31.02 2.11
N GLU B 184 4.64 -31.18 0.92
CA GLU B 184 4.62 -32.48 0.26
C GLU B 184 4.17 -32.32 -1.18
N TYR B 185 4.76 -33.14 -2.05
CA TYR B 185 4.33 -33.18 -3.45
C TYR B 185 2.95 -33.85 -3.55
N TYR B 186 2.15 -33.37 -4.50
CA TYR B 186 0.80 -33.89 -4.70
C TYR B 186 0.77 -34.78 -5.93
N HIS B 187 0.50 -36.07 -5.73
CA HIS B 187 0.17 -36.99 -6.80
C HIS B 187 -1.30 -37.39 -6.68
N PRO B 188 -2.05 -37.38 -7.77
CA PRO B 188 -3.49 -37.70 -7.68
C PRO B 188 -3.73 -39.08 -7.06
N GLY B 189 -4.66 -39.13 -6.12
CA GLY B 189 -5.05 -40.38 -5.50
C GLY B 189 -4.21 -40.86 -4.34
N THR B 190 -3.72 -39.96 -3.49
CA THR B 190 -2.76 -40.29 -2.43
C THR B 190 -3.25 -39.75 -1.11
N GLU B 191 -3.55 -40.65 -0.19
CA GLU B 191 -3.81 -40.33 1.22
C GLU B 191 -2.58 -39.64 1.80
N TYR B 192 -2.73 -38.42 2.32
CA TYR B 192 -1.66 -37.83 3.09
C TYR B 192 -2.03 -37.84 4.56
N ASN B 193 -1.02 -37.76 5.42
CA ASN B 193 -1.25 -37.77 6.86
C ASN B 193 -2.13 -36.60 7.26
N VAL B 194 -3.25 -36.90 7.93
CA VAL B 194 -4.13 -35.84 8.44
C VAL B 194 -3.52 -35.11 9.62
N ARG B 195 -2.38 -35.59 10.14
CA ARG B 195 -1.67 -34.92 11.22
C ARG B 195 -0.72 -33.86 10.64
N VAL B 196 -1.32 -32.86 10.00
CA VAL B 196 -0.58 -31.76 9.40
C VAL B 196 -1.19 -30.44 9.86
N ALA B 197 -0.47 -29.36 9.60
CA ALA B 197 -0.87 -28.01 9.98
C ALA B 197 -1.07 -27.87 11.48
N SER B 198 -1.60 -26.73 11.91
CA SER B 198 -1.87 -26.47 13.31
C SER B 198 -3.37 -26.36 13.55
N ARG B 199 -3.76 -26.52 14.82
CA ARG B 199 -5.16 -26.75 15.18
C ARG B 199 -6.08 -25.69 14.60
N TYR B 200 -5.79 -24.42 14.87
CA TYR B 200 -6.68 -23.34 14.45
C TYR B 200 -6.81 -23.22 12.93
N PHE B 201 -5.96 -23.89 12.16
CA PHE B 201 -5.97 -23.77 10.71
C PHE B 201 -6.08 -25.12 10.02
N LYS B 202 -6.54 -26.14 10.74
CA LYS B 202 -6.77 -27.45 10.14
C LYS B 202 -8.11 -27.45 9.39
N GLY B 203 -8.09 -28.03 8.20
CA GLY B 203 -9.30 -28.16 7.42
C GLY B 203 -10.22 -29.23 7.95
N PRO B 204 -11.50 -29.18 7.57
CA PRO B 204 -12.42 -30.24 7.99
C PRO B 204 -12.01 -31.61 7.49
N GLU B 205 -11.27 -31.70 6.39
CA GLU B 205 -10.82 -32.99 5.89
C GLU B 205 -9.83 -33.64 6.85
N LEU B 206 -9.02 -32.85 7.53
CA LEU B 206 -8.10 -33.41 8.52
C LEU B 206 -8.82 -33.85 9.78
N LEU B 207 -9.95 -33.20 10.10
CA LEU B 207 -10.66 -33.47 11.34
C LEU B 207 -11.58 -34.67 11.24
N VAL B 208 -12.01 -35.04 10.04
CA VAL B 208 -12.81 -36.23 9.82
C VAL B 208 -11.97 -37.38 9.25
N ASP B 209 -10.65 -37.23 9.22
CA ASP B 209 -9.73 -38.24 8.70
C ASP B 209 -10.04 -38.58 7.25
N TYR B 210 -10.21 -37.54 6.44
CA TYR B 210 -10.26 -37.68 4.98
C TYR B 210 -8.88 -37.38 4.44
N ARG B 211 -8.16 -38.43 4.04
CA ARG B 211 -6.74 -38.33 3.75
C ARG B 211 -6.45 -37.96 2.29
N LEU B 212 -7.40 -38.15 1.39
CA LEU B 212 -7.20 -37.81 -0.02
C LEU B 212 -7.37 -36.33 -0.32
N TYR B 213 -6.81 -35.45 0.51
CA TYR B 213 -6.92 -34.02 0.26
C TYR B 213 -5.86 -33.57 -0.74
N ASP B 214 -5.87 -32.28 -1.06
CA ASP B 214 -4.95 -31.74 -2.05
C ASP B 214 -4.50 -30.33 -1.68
N TYR B 215 -4.28 -29.48 -2.69
CA TYR B 215 -3.85 -28.11 -2.43
C TYR B 215 -4.91 -27.29 -1.71
N SER B 216 -6.18 -27.69 -1.81
CA SER B 216 -7.26 -26.93 -1.18
C SER B 216 -7.15 -26.90 0.34
N LEU B 217 -6.30 -27.74 0.94
CA LEU B 217 -6.08 -27.66 2.38
C LEU B 217 -5.43 -26.33 2.76
N ASP B 218 -4.50 -25.85 1.94
CA ASP B 218 -3.88 -24.55 2.20
C ASP B 218 -4.89 -23.42 2.04
N MET B 219 -5.92 -23.61 1.22
CA MET B 219 -6.91 -22.54 1.02
C MET B 219 -7.80 -22.39 2.24
N TRP B 220 -8.15 -23.50 2.90
CA TRP B 220 -8.86 -23.39 4.17
C TRP B 220 -8.00 -22.72 5.22
N SER B 221 -6.71 -23.05 5.27
CA SER B 221 -5.81 -22.36 6.18
C SER B 221 -5.68 -20.88 5.83
N PHE B 222 -5.73 -20.56 4.54
CA PHE B 222 -5.71 -19.15 4.13
C PHE B 222 -6.99 -18.44 4.56
N GLY B 223 -8.13 -19.09 4.40
CA GLY B 223 -9.39 -18.48 4.83
C GLY B 223 -9.46 -18.25 6.32
N CYS B 224 -8.84 -19.13 7.11
CA CYS B 224 -8.80 -18.94 8.55
C CYS B 224 -7.98 -17.71 8.91
N MET B 225 -6.88 -17.47 8.19
CA MET B 225 -6.07 -16.28 8.43
C MET B 225 -6.83 -15.02 8.03
N LEU B 226 -7.47 -15.05 6.86
CA LEU B 226 -8.17 -13.86 6.36
C LEU B 226 -9.37 -13.52 7.23
N ALA B 227 -10.16 -14.53 7.61
CA ALA B 227 -11.37 -14.26 8.40
C ALA B 227 -11.03 -13.67 9.76
N SER B 228 -9.89 -14.06 10.34
CA SER B 228 -9.50 -13.51 11.63
C SER B 228 -8.93 -12.12 11.51
N MET B 229 -8.17 -11.85 10.44
CA MET B 229 -7.63 -10.51 10.23
C MET B 229 -8.75 -9.51 9.95
N VAL B 230 -9.77 -9.93 9.20
CA VAL B 230 -10.85 -9.02 8.85
C VAL B 230 -11.79 -8.81 10.04
N PHE B 231 -12.22 -9.89 10.67
CA PHE B 231 -13.17 -9.81 11.77
C PHE B 231 -12.51 -9.45 13.10
N MET B 232 -11.18 -9.35 13.15
CA MET B 232 -10.44 -8.99 14.36
C MET B 232 -10.76 -9.95 15.51
N LYS B 233 -10.36 -11.20 15.30
CA LYS B 233 -10.63 -12.26 16.29
C LYS B 233 -9.68 -13.42 16.00
N GLU B 234 -8.55 -13.45 16.71
CA GLU B 234 -7.56 -14.50 16.52
C GLU B 234 -7.57 -15.44 17.70
N PRO B 235 -7.86 -16.74 17.50
CA PRO B 235 -8.18 -17.31 16.19
C PRO B 235 -9.68 -17.21 15.87
N PHE B 236 -10.03 -17.39 14.60
CA PHE B 236 -11.44 -17.36 14.22
C PHE B 236 -12.16 -18.63 14.67
N PHE B 237 -11.48 -19.77 14.63
CA PHE B 237 -12.01 -21.05 15.10
C PHE B 237 -11.19 -21.46 16.33
N HIS B 238 -11.59 -20.97 17.49
CA HIS B 238 -10.87 -21.25 18.74
C HIS B 238 -11.30 -22.61 19.27
N GLY B 239 -10.39 -23.57 19.28
CA GLY B 239 -10.71 -24.93 19.69
C GLY B 239 -9.76 -25.41 20.77
N LYS B 240 -10.31 -26.20 21.70
CA LYS B 240 -9.48 -26.78 22.74
C LYS B 240 -8.69 -27.97 22.22
N SER B 241 -9.26 -28.70 21.27
CA SER B 241 -8.65 -29.91 20.75
C SER B 241 -9.03 -30.03 19.27
N ASN B 242 -8.53 -31.08 18.62
CA ASN B 242 -8.91 -31.32 17.24
C ASN B 242 -10.36 -31.76 17.11
N THR B 243 -10.94 -32.31 18.19
CA THR B 243 -12.37 -32.61 18.19
C THR B 243 -13.20 -31.35 18.36
N ASP B 244 -12.86 -30.53 19.36
CA ASP B 244 -13.53 -29.25 19.55
C ASP B 244 -13.28 -28.29 18.38
N GLN B 245 -12.17 -28.47 17.65
CA GLN B 245 -11.91 -27.64 16.49
C GLN B 245 -13.00 -27.83 15.44
N LEU B 246 -13.45 -29.08 15.23
CA LEU B 246 -14.52 -29.33 14.28
C LEU B 246 -15.84 -28.78 14.78
N VAL B 247 -16.12 -28.92 16.08
CA VAL B 247 -17.37 -28.43 16.63
C VAL B 247 -17.48 -26.92 16.46
N GLN B 248 -16.37 -26.20 16.63
CA GLN B 248 -16.38 -24.77 16.40
C GLN B 248 -16.52 -24.41 14.93
N ILE B 249 -16.14 -25.32 14.03
CA ILE B 249 -16.30 -25.07 12.60
C ILE B 249 -17.74 -25.26 12.18
N VAL B 250 -18.38 -26.34 12.61
CA VAL B 250 -19.78 -26.57 12.26
C VAL B 250 -20.70 -25.62 13.02
N ARG B 251 -20.24 -25.10 14.17
CA ARG B 251 -21.02 -24.09 14.87
C ARG B 251 -21.27 -22.86 14.01
N VAL B 252 -20.39 -22.61 13.04
CA VAL B 252 -20.52 -21.47 12.13
C VAL B 252 -21.04 -21.92 10.77
N LEU B 253 -20.45 -22.96 10.19
CA LEU B 253 -20.79 -23.38 8.84
C LEU B 253 -22.09 -24.18 8.77
N GLY B 254 -22.62 -24.62 9.90
CA GLY B 254 -23.94 -25.24 9.91
C GLY B 254 -23.90 -26.75 9.79
N SER B 255 -24.91 -27.39 10.37
CA SER B 255 -25.01 -28.85 10.32
C SER B 255 -25.52 -29.34 8.97
N LYS B 256 -26.27 -28.51 8.24
CA LYS B 256 -26.86 -28.94 6.98
C LYS B 256 -25.78 -29.23 5.94
N ASN B 257 -24.90 -28.26 5.68
CA ASN B 257 -23.81 -28.48 4.74
C ASN B 257 -22.82 -29.52 5.27
N PHE B 258 -22.76 -29.72 6.59
CA PHE B 258 -21.91 -30.77 7.14
C PHE B 258 -22.44 -32.15 6.80
N LYS B 259 -23.77 -32.31 6.83
CA LYS B 259 -24.36 -33.60 6.45
C LYS B 259 -24.11 -33.93 4.98
N LYS B 260 -24.26 -32.93 4.10
CA LYS B 260 -23.97 -33.15 2.69
C LYS B 260 -22.49 -33.44 2.46
N TYR B 261 -21.61 -32.92 3.32
CA TYR B 261 -20.19 -33.19 3.17
C TYR B 261 -19.84 -34.61 3.58
N LEU B 262 -20.48 -35.12 4.63
CA LEU B 262 -20.23 -36.49 5.06
C LEU B 262 -20.87 -37.51 4.13
N GLU B 263 -21.95 -37.14 3.44
CA GLU B 263 -22.60 -38.05 2.51
C GLU B 263 -21.81 -38.18 1.21
N LYS B 264 -21.29 -37.06 0.70
CA LYS B 264 -20.59 -37.09 -0.57
C LYS B 264 -19.34 -37.96 -0.50
N TYR B 265 -18.66 -37.97 0.64
CA TYR B 265 -17.43 -38.72 0.81
C TYR B 265 -17.60 -39.94 1.73
N ASN B 266 -18.85 -40.27 2.10
CA ASN B 266 -19.15 -41.45 2.92
C ASN B 266 -18.24 -41.51 4.15
N ILE B 267 -18.19 -40.39 4.87
CA ILE B 267 -17.33 -40.26 6.04
C ILE B 267 -18.07 -40.81 7.25
N SER B 268 -17.64 -41.97 7.73
CA SER B 268 -18.15 -42.52 8.98
C SER B 268 -17.46 -41.80 10.13
N LEU B 269 -18.24 -40.98 10.82
CA LEU B 269 -17.78 -40.14 11.93
C LEU B 269 -17.40 -40.87 13.22
N GLY B 270 -16.50 -40.25 13.96
CA GLY B 270 -16.03 -40.78 15.22
C GLY B 270 -17.07 -40.74 16.30
N GLU B 271 -16.94 -41.65 17.26
CA GLU B 271 -17.85 -41.80 18.39
C GLU B 271 -17.88 -40.60 19.34
N GLU B 272 -16.76 -39.87 19.41
CA GLU B 272 -16.65 -38.74 20.34
C GLU B 272 -17.65 -37.59 20.18
N TYR B 273 -17.98 -37.18 18.96
CA TYR B 273 -18.94 -36.10 18.84
C TYR B 273 -20.37 -36.57 19.09
N GLU B 274 -20.55 -37.73 19.73
CA GLU B 274 -21.86 -38.30 20.08
C GLU B 274 -22.86 -37.22 20.47
N ASP B 275 -22.41 -36.27 21.28
CA ASP B 275 -23.26 -35.23 21.83
C ASP B 275 -23.23 -33.94 21.02
N ILE B 276 -22.84 -34.02 19.74
CA ILE B 276 -22.87 -32.83 18.90
C ILE B 276 -24.31 -32.43 18.64
N GLY B 277 -24.56 -31.13 18.56
CA GLY B 277 -25.89 -30.62 18.33
C GLY B 277 -26.09 -30.20 16.87
N TYR B 278 -27.33 -29.83 16.56
CA TYR B 278 -27.69 -29.34 15.24
C TYR B 278 -27.52 -27.83 15.23
N TYR B 279 -26.44 -27.36 14.62
CA TYR B 279 -26.15 -25.93 14.55
C TYR B 279 -26.72 -25.37 13.25
N ASN B 280 -27.68 -24.46 13.37
CA ASN B 280 -28.15 -23.72 12.21
C ASN B 280 -27.03 -22.82 11.69
N LYS B 281 -26.83 -22.82 10.38
CA LYS B 281 -25.71 -22.08 9.80
C LYS B 281 -25.84 -20.60 10.08
N ARG B 282 -24.79 -20.00 10.63
CA ARG B 282 -24.76 -18.59 10.94
C ARG B 282 -24.17 -17.81 9.76
N GLN B 283 -24.86 -16.77 9.34
CA GLN B 283 -24.40 -15.98 8.20
C GLN B 283 -23.07 -15.31 8.51
N TRP B 284 -22.32 -15.02 7.45
CA TRP B 284 -20.99 -14.44 7.63
C TRP B 284 -21.05 -12.99 8.09
N VAL B 285 -22.14 -12.29 7.79
CA VAL B 285 -22.26 -10.89 8.17
C VAL B 285 -22.57 -10.73 9.66
N ARG B 286 -22.99 -11.80 10.34
CA ARG B 286 -23.28 -11.72 11.76
C ARG B 286 -22.03 -11.49 12.61
N PHE B 287 -20.84 -11.67 12.05
CA PHE B 287 -19.59 -11.47 12.76
C PHE B 287 -19.06 -10.05 12.63
N MET B 288 -19.84 -9.14 12.04
CA MET B 288 -19.42 -7.76 11.83
C MET B 288 -19.89 -6.92 13.01
N ASN B 289 -18.94 -6.52 13.87
CA ASN B 289 -19.22 -5.64 14.99
C ASN B 289 -18.74 -4.22 14.65
N GLU B 290 -18.92 -3.31 15.61
CA GLU B 290 -18.53 -1.92 15.39
C GLU B 290 -17.02 -1.72 15.32
N ASN B 291 -16.24 -2.72 15.71
CA ASN B 291 -14.78 -2.60 15.68
C ASN B 291 -14.19 -2.97 14.33
N ASN B 292 -14.82 -3.87 13.58
CA ASN B 292 -14.29 -4.34 12.31
C ASN B 292 -15.20 -4.01 11.13
N LYS B 293 -16.21 -3.14 11.33
CA LYS B 293 -17.16 -2.86 10.27
C LYS B 293 -16.50 -2.21 9.05
N ASP B 294 -15.40 -1.50 9.27
CA ASP B 294 -14.69 -0.89 8.15
C ASP B 294 -13.83 -1.88 7.38
N LEU B 295 -13.51 -3.04 7.98
CA LEU B 295 -12.79 -4.08 7.29
C LEU B 295 -13.72 -5.09 6.62
N VAL B 296 -14.97 -5.17 7.05
CA VAL B 296 -15.93 -6.12 6.49
C VAL B 296 -16.60 -5.45 5.30
N SER B 297 -16.18 -5.82 4.10
CA SER B 297 -16.78 -5.33 2.87
C SER B 297 -17.72 -6.38 2.29
N GLN B 298 -18.56 -5.94 1.35
CA GLN B 298 -19.51 -6.86 0.74
C GLN B 298 -18.81 -7.90 -0.12
N GLU B 299 -17.73 -7.50 -0.80
CA GLU B 299 -16.97 -8.46 -1.61
C GLU B 299 -16.19 -9.43 -0.74
N PHE B 300 -15.79 -9.02 0.46
CA PHE B 300 -15.10 -9.93 1.36
C PHE B 300 -16.02 -11.06 1.81
N LEU B 301 -17.27 -10.72 2.16
CA LEU B 301 -18.21 -11.74 2.61
C LEU B 301 -18.46 -12.79 1.52
N ASP B 302 -18.41 -12.38 0.25
CA ASP B 302 -18.51 -13.35 -0.84
C ASP B 302 -17.23 -14.18 -0.94
N LEU B 303 -16.07 -13.55 -0.71
CA LEU B 303 -14.82 -14.28 -0.79
C LEU B 303 -14.67 -15.26 0.38
N ILE B 304 -15.02 -14.82 1.59
CA ILE B 304 -14.89 -15.69 2.76
C ILE B 304 -15.89 -16.83 2.74
N ASP B 305 -17.01 -16.67 2.03
CA ASP B 305 -17.99 -17.74 1.94
C ASP B 305 -17.56 -18.82 0.95
N ARG B 306 -16.80 -18.44 -0.08
CA ARG B 306 -16.33 -19.37 -1.10
C ARG B 306 -14.96 -19.95 -0.76
N LEU B 307 -14.38 -19.60 0.39
CA LEU B 307 -13.12 -20.18 0.85
C LEU B 307 -13.33 -21.17 2.00
N LEU B 308 -14.10 -20.78 3.01
CA LEU B 308 -14.33 -21.63 4.19
C LEU B 308 -15.54 -22.52 3.91
N ARG B 309 -15.26 -23.71 3.37
CA ARG B 309 -16.30 -24.68 3.04
C ARG B 309 -15.85 -26.06 3.49
N TYR B 310 -16.83 -26.90 3.84
CA TYR B 310 -16.52 -28.30 4.16
C TYR B 310 -15.88 -29.00 2.98
N ASP B 311 -16.61 -29.11 1.87
CA ASP B 311 -16.09 -29.77 0.69
C ASP B 311 -14.91 -28.99 0.13
N HIS B 312 -13.73 -29.62 0.12
CA HIS B 312 -12.53 -28.96 -0.39
C HIS B 312 -12.60 -28.72 -1.90
N GLN B 313 -13.44 -29.47 -2.62
CA GLN B 313 -13.51 -29.30 -4.06
C GLN B 313 -14.21 -28.00 -4.46
N GLU B 314 -15.17 -27.55 -3.66
CA GLU B 314 -15.90 -26.32 -3.97
C GLU B 314 -15.24 -25.08 -3.37
N ARG B 315 -14.14 -25.24 -2.64
CA ARG B 315 -13.38 -24.08 -2.20
C ARG B 315 -12.71 -23.42 -3.39
N LEU B 316 -12.44 -22.12 -3.25
CA LEU B 316 -11.72 -21.40 -4.30
C LEU B 316 -10.26 -21.83 -4.31
N THR B 317 -9.72 -22.02 -5.51
CA THR B 317 -8.29 -22.24 -5.63
C THR B 317 -7.54 -20.95 -5.35
N ALA B 318 -6.21 -21.06 -5.26
CA ALA B 318 -5.39 -19.88 -5.03
C ALA B 318 -5.58 -18.86 -6.14
N LYS B 319 -5.48 -19.30 -7.41
CA LYS B 319 -5.61 -18.37 -8.53
C LYS B 319 -7.03 -17.79 -8.61
N GLU B 320 -8.05 -18.59 -8.29
CA GLU B 320 -9.41 -18.08 -8.30
C GLU B 320 -9.61 -17.03 -7.22
N ALA B 321 -8.91 -17.16 -6.09
CA ALA B 321 -9.01 -16.15 -5.04
C ALA B 321 -8.29 -14.87 -5.39
N MET B 322 -7.19 -14.97 -6.15
CA MET B 322 -6.45 -13.77 -6.54
C MET B 322 -7.22 -12.94 -7.56
N LYS B 323 -8.05 -13.58 -8.39
CA LYS B 323 -8.86 -12.87 -9.37
C LYS B 323 -10.21 -12.44 -8.80
N HIS B 324 -10.41 -12.57 -7.50
CA HIS B 324 -11.66 -12.15 -6.88
C HIS B 324 -11.71 -10.63 -6.76
N ALA B 325 -12.94 -10.09 -6.80
CA ALA B 325 -13.14 -8.65 -6.74
C ALA B 325 -12.72 -8.04 -5.42
N TYR B 326 -12.43 -8.86 -4.40
CA TYR B 326 -11.99 -8.33 -3.12
C TYR B 326 -10.62 -7.67 -3.22
N PHE B 327 -9.79 -8.13 -4.14
CA PHE B 327 -8.44 -7.59 -4.34
C PHE B 327 -8.37 -6.55 -5.43
N ASP B 328 -9.52 -6.06 -5.92
CA ASP B 328 -9.51 -5.04 -6.96
C ASP B 328 -8.79 -3.76 -6.54
N PRO B 329 -8.99 -3.20 -5.34
CA PRO B 329 -8.29 -1.95 -4.99
C PRO B 329 -6.77 -2.10 -4.84
N ILE B 330 -6.24 -3.31 -4.89
CA ILE B 330 -4.81 -3.52 -4.69
C ILE B 330 -4.14 -4.26 -5.85
N ARG B 331 -4.88 -5.00 -6.67
CA ARG B 331 -4.28 -5.81 -7.72
C ARG B 331 -4.05 -4.98 -8.97
N VAL B 332 -2.86 -5.12 -9.56
CA VAL B 332 -2.53 -4.42 -10.78
C VAL B 332 -3.16 -5.08 -12.01
N ALA B 333 -3.49 -6.36 -11.94
CA ALA B 333 -4.03 -7.07 -13.09
C ALA B 333 -5.56 -6.91 -13.16
#